data_2K3Q
#
_entry.id   2K3Q
#
_cell.length_a   1.000
_cell.length_b   1.000
_cell.length_c   1.000
_cell.angle_alpha   90.00
_cell.angle_beta   90.00
_cell.angle_gamma   90.00
#
_symmetry.space_group_name_H-M   'P 1'
#
_entity_poly.entity_id   1
_entity_poly.type   'polypeptide(L)'
_entity_poly.pdbx_seq_one_letter_code
;GSEQQDLDDLAQVILSAVTSNTDTSKSARAQALSTALASSLADLLISESSGSSYQTQISALTNILSDCFVTTTGSNNPAF
VSRVQTLIAVLSQSSSNAISGATGGSAFAQSQAFQQSA
;
_entity_poly.pdbx_strand_id   A
#
# COMPACT_ATOMS: atom_id res chain seq x y z
N GLY A 1 -3.23 -15.22 -6.64
CA GLY A 1 -1.87 -15.43 -7.17
C GLY A 1 -0.93 -14.29 -6.79
N SER A 2 -0.71 -13.35 -7.71
CA SER A 2 0.17 -12.17 -7.53
C SER A 2 -0.45 -10.94 -8.19
N GLU A 3 0.07 -9.74 -7.91
CA GLU A 3 -0.40 -8.42 -8.37
C GLU A 3 -1.93 -8.14 -8.22
N GLN A 4 -2.62 -8.95 -7.40
CA GLN A 4 -4.06 -8.85 -7.14
C GLN A 4 -4.40 -9.02 -5.64
N GLN A 5 -3.83 -10.04 -4.97
CA GLN A 5 -3.97 -10.21 -3.52
C GLN A 5 -3.23 -9.11 -2.76
N ASP A 6 -2.11 -8.65 -3.34
CA ASP A 6 -1.35 -7.49 -2.85
C ASP A 6 -2.19 -6.21 -2.79
N LEU A 7 -3.25 -6.09 -3.60
CA LEU A 7 -4.10 -4.89 -3.66
C LEU A 7 -5.09 -4.82 -2.48
N ASP A 8 -5.65 -5.96 -2.05
CA ASP A 8 -6.40 -6.06 -0.80
C ASP A 8 -5.50 -5.88 0.43
N ASP A 9 -4.25 -6.37 0.37
CA ASP A 9 -3.25 -6.04 1.40
C ASP A 9 -2.89 -4.54 1.37
N LEU A 10 -2.77 -3.91 0.20
CA LEU A 10 -2.52 -2.47 0.09
C LEU A 10 -3.63 -1.64 0.74
N ALA A 11 -4.89 -2.04 0.62
CA ALA A 11 -5.98 -1.37 1.34
C ALA A 11 -5.75 -1.41 2.86
N GLN A 12 -5.46 -2.57 3.45
CA GLN A 12 -5.19 -2.66 4.89
C GLN A 12 -3.89 -1.94 5.32
N VAL A 13 -2.86 -1.95 4.49
CA VAL A 13 -1.54 -1.37 4.82
C VAL A 13 -1.49 0.15 4.62
N ILE A 14 -2.23 0.70 3.64
CA ILE A 14 -2.44 2.14 3.51
C ILE A 14 -3.34 2.62 4.65
N LEU A 15 -4.36 1.85 5.07
CA LEU A 15 -5.14 2.13 6.29
C LEU A 15 -4.24 2.25 7.53
N SER A 16 -3.21 1.41 7.70
CA SER A 16 -2.19 1.58 8.75
C SER A 16 -1.40 2.89 8.66
N ALA A 17 -1.35 3.54 7.49
CA ALA A 17 -0.75 4.87 7.31
C ALA A 17 -1.79 5.99 7.54
N VAL A 18 -2.92 5.98 6.84
CA VAL A 18 -3.94 7.05 6.90
C VAL A 18 -4.65 7.13 8.26
N THR A 19 -4.95 5.99 8.88
CA THR A 19 -5.56 5.91 10.23
C THR A 19 -4.51 6.13 11.34
N SER A 20 -3.22 6.22 11.02
CA SER A 20 -2.15 6.55 11.98
C SER A 20 -2.31 7.94 12.62
N ASN A 21 -3.01 8.86 11.94
CA ASN A 21 -3.42 10.17 12.47
C ASN A 21 -4.72 10.10 13.33
N THR A 22 -5.22 8.89 13.61
CA THR A 22 -6.48 8.52 14.32
C THR A 22 -7.78 8.84 13.55
N ASP A 23 -7.67 9.10 12.25
CA ASP A 23 -8.78 9.46 11.36
C ASP A 23 -9.74 8.29 11.08
N THR A 24 -10.95 8.29 11.65
CA THR A 24 -12.02 7.33 11.27
C THR A 24 -12.51 7.54 9.84
N SER A 25 -12.68 8.81 9.40
CA SER A 25 -13.18 9.18 8.07
C SER A 25 -12.32 8.70 6.90
N LYS A 26 -11.02 8.45 7.12
CA LYS A 26 -10.12 7.81 6.13
C LYS A 26 -10.57 6.40 5.72
N SER A 27 -11.37 5.72 6.52
CA SER A 27 -11.99 4.44 6.15
C SER A 27 -13.03 4.56 5.03
N ALA A 28 -13.63 5.75 4.83
CA ALA A 28 -14.43 6.04 3.63
C ALA A 28 -13.56 6.18 2.37
N ARG A 29 -12.35 6.76 2.49
CA ARG A 29 -11.35 6.83 1.41
C ARG A 29 -10.77 5.48 1.00
N ALA A 30 -10.89 4.44 1.81
CA ALA A 30 -10.58 3.05 1.42
C ALA A 30 -11.33 2.63 0.13
N GLN A 31 -12.60 3.04 -0.01
CA GLN A 31 -13.43 2.79 -1.19
C GLN A 31 -12.95 3.55 -2.44
N ALA A 32 -12.32 4.72 -2.27
CA ALA A 32 -11.68 5.47 -3.35
C ALA A 32 -10.32 4.89 -3.75
N LEU A 33 -9.51 4.45 -2.77
CA LEU A 33 -8.28 3.67 -2.99
C LEU A 33 -8.56 2.41 -3.82
N SER A 34 -9.70 1.74 -3.64
CA SER A 34 -10.12 0.62 -4.50
C SER A 34 -10.22 0.96 -6.00
N THR A 35 -10.41 2.23 -6.39
CA THR A 35 -10.35 2.65 -7.80
C THR A 35 -8.93 2.63 -8.38
N ALA A 36 -7.89 2.81 -7.55
CA ALA A 36 -6.50 2.58 -7.96
C ALA A 36 -6.23 1.09 -8.24
N LEU A 37 -6.82 0.20 -7.42
CA LEU A 37 -6.80 -1.26 -7.62
C LEU A 37 -7.33 -1.65 -9.00
N ALA A 38 -8.44 -1.04 -9.46
CA ALA A 38 -8.98 -1.27 -10.80
C ALA A 38 -7.98 -0.92 -11.91
N SER A 39 -7.15 0.11 -11.72
CA SER A 39 -6.08 0.50 -12.65
C SER A 39 -4.87 -0.45 -12.59
N SER A 40 -4.48 -0.92 -11.40
CA SER A 40 -3.47 -1.99 -11.23
C SER A 40 -3.90 -3.31 -11.90
N LEU A 41 -5.18 -3.67 -11.79
CA LEU A 41 -5.84 -4.73 -12.57
C LEU A 41 -5.72 -4.48 -14.08
N ALA A 42 -6.06 -3.28 -14.56
CA ALA A 42 -5.99 -2.93 -15.98
C ALA A 42 -4.56 -3.04 -16.55
N ASP A 43 -3.51 -2.80 -15.76
CA ASP A 43 -2.12 -3.00 -16.19
C ASP A 43 -1.77 -4.48 -16.49
N LEU A 44 -2.50 -5.46 -15.94
CA LEU A 44 -2.34 -6.88 -16.31
C LEU A 44 -2.83 -7.16 -17.74
N LEU A 45 -3.87 -6.45 -18.21
CA LEU A 45 -4.42 -6.57 -19.57
C LEU A 45 -3.43 -6.10 -20.66
N ILE A 46 -2.47 -5.24 -20.29
CA ILE A 46 -1.37 -4.73 -21.14
C ILE A 46 0.00 -5.29 -20.71
N SER A 47 0.02 -6.35 -19.88
CA SER A 47 1.22 -7.06 -19.39
C SER A 47 2.23 -6.19 -18.61
N GLU A 48 1.82 -5.00 -18.18
CA GLU A 48 2.70 -3.99 -17.56
C GLU A 48 2.73 -4.08 -16.02
N SER A 49 1.97 -5.02 -15.43
CA SER A 49 1.95 -5.29 -13.98
C SER A 49 3.04 -6.28 -13.49
N SER A 50 3.92 -6.77 -14.38
CA SER A 50 4.93 -7.82 -14.10
C SER A 50 5.82 -7.55 -12.86
N GLY A 51 6.07 -6.28 -12.52
CA GLY A 51 6.76 -5.88 -11.28
C GLY A 51 6.55 -4.40 -10.90
N SER A 52 5.47 -3.78 -11.37
CA SER A 52 5.28 -2.32 -11.38
C SER A 52 3.81 -1.89 -11.46
N SER A 53 2.93 -2.63 -10.76
CA SER A 53 1.45 -2.61 -10.81
C SER A 53 0.81 -1.28 -11.20
N TYR A 54 0.97 -0.22 -10.38
CA TYR A 54 0.70 1.18 -10.73
C TYR A 54 1.18 2.17 -9.64
N GLN A 55 2.51 2.26 -9.41
CA GLN A 55 3.06 3.13 -8.35
C GLN A 55 2.56 4.59 -8.42
N THR A 56 2.44 5.18 -9.62
CA THR A 56 1.95 6.57 -9.79
C THR A 56 0.50 6.73 -9.33
N GLN A 57 -0.40 5.82 -9.73
CA GLN A 57 -1.81 5.84 -9.33
C GLN A 57 -1.96 5.54 -7.84
N ILE A 58 -1.27 4.53 -7.29
CA ILE A 58 -1.29 4.20 -5.87
C ILE A 58 -0.76 5.35 -5.01
N SER A 59 0.36 5.97 -5.38
CA SER A 59 0.90 7.16 -4.70
C SER A 59 -0.05 8.36 -4.78
N ALA A 60 -0.59 8.67 -5.97
CA ALA A 60 -1.55 9.74 -6.16
C ALA A 60 -2.82 9.53 -5.34
N LEU A 61 -3.45 8.35 -5.42
CA LEU A 61 -4.66 8.06 -4.64
C LEU A 61 -4.38 8.06 -3.13
N THR A 62 -3.25 7.49 -2.66
CA THR A 62 -2.77 7.59 -1.26
C THR A 62 -2.71 9.05 -0.79
N ASN A 63 -2.26 9.97 -1.66
CA ASN A 63 -2.22 11.42 -1.39
C ASN A 63 -3.63 12.08 -1.48
N ILE A 64 -4.53 11.60 -2.33
CA ILE A 64 -5.96 11.98 -2.32
C ILE A 64 -6.64 11.58 -0.99
N LEU A 65 -6.24 10.47 -0.36
CA LEU A 65 -6.75 10.11 0.97
C LEU A 65 -6.31 11.16 2.01
N SER A 66 -5.06 11.64 1.95
CA SER A 66 -4.59 12.78 2.75
C SER A 66 -5.43 14.05 2.51
N ASP A 67 -5.72 14.38 1.24
CA ASP A 67 -6.59 15.51 0.84
C ASP A 67 -8.07 15.36 1.22
N CYS A 68 -8.50 14.23 1.82
CA CYS A 68 -9.81 14.12 2.46
C CYS A 68 -9.91 15.00 3.72
N PHE A 69 -8.80 15.19 4.45
CA PHE A 69 -8.80 15.80 5.79
C PHE A 69 -8.40 17.29 5.78
N VAL A 70 -7.48 17.69 4.88
CA VAL A 70 -7.03 19.09 4.62
C VAL A 70 -6.86 19.90 5.91
N THR A 71 -5.84 19.54 6.70
CA THR A 71 -5.53 20.19 7.99
C THR A 71 -4.05 20.12 8.38
N THR A 72 -3.47 18.91 8.45
CA THR A 72 -2.07 18.66 8.86
C THR A 72 -1.49 17.39 8.21
N THR A 73 -2.23 16.82 7.25
CA THR A 73 -2.00 15.53 6.60
C THR A 73 -0.90 15.53 5.53
N GLY A 74 -0.04 16.56 5.50
CA GLY A 74 1.15 16.62 4.64
C GLY A 74 0.82 16.70 3.15
N SER A 75 0.11 17.74 2.72
CA SER A 75 -0.43 17.94 1.35
C SER A 75 0.61 17.99 0.19
N ASN A 76 1.86 17.62 0.45
CA ASN A 76 2.92 17.30 -0.52
C ASN A 76 3.84 16.22 0.11
N ASN A 77 4.08 15.12 -0.61
CA ASN A 77 4.85 13.93 -0.16
C ASN A 77 4.69 13.58 1.34
N PRO A 78 3.47 13.21 1.79
CA PRO A 78 3.20 12.91 3.21
C PRO A 78 3.93 11.66 3.70
N ALA A 79 3.92 11.47 5.02
CA ALA A 79 4.34 10.22 5.65
C ALA A 79 3.64 8.99 5.04
N PHE A 80 2.41 9.11 4.54
CA PHE A 80 1.66 7.99 3.93
C PHE A 80 2.23 7.58 2.56
N VAL A 81 2.58 8.56 1.71
CA VAL A 81 3.28 8.32 0.44
C VAL A 81 4.69 7.77 0.69
N SER A 82 5.40 8.32 1.69
CA SER A 82 6.69 7.77 2.13
C SER A 82 6.55 6.34 2.67
N ARG A 83 5.48 6.04 3.42
CA ARG A 83 5.17 4.70 3.93
C ARG A 83 4.98 3.71 2.79
N VAL A 84 4.16 4.01 1.77
CA VAL A 84 4.06 3.12 0.61
C VAL A 84 5.40 2.97 -0.11
N GLN A 85 6.20 4.03 -0.26
CA GLN A 85 7.52 3.94 -0.90
C GLN A 85 8.47 2.94 -0.18
N THR A 86 8.53 2.97 1.16
CA THR A 86 9.36 2.03 1.93
C THR A 86 8.71 0.65 2.06
N LEU A 87 7.43 0.58 2.40
CA LEU A 87 6.74 -0.71 2.60
C LEU A 87 6.61 -1.50 1.30
N ILE A 88 6.48 -0.89 0.12
CA ILE A 88 6.44 -1.61 -1.16
C ILE A 88 7.72 -2.43 -1.36
N ALA A 89 8.89 -1.95 -0.92
CA ALA A 89 10.11 -2.75 -0.93
C ALA A 89 10.01 -4.00 -0.05
N VAL A 90 9.51 -3.86 1.19
CA VAL A 90 9.32 -4.98 2.13
C VAL A 90 8.22 -5.94 1.66
N LEU A 91 7.09 -5.40 1.17
CA LEU A 91 5.97 -6.15 0.62
C LEU A 91 6.40 -6.93 -0.64
N SER A 92 7.19 -6.36 -1.54
CA SER A 92 7.80 -7.11 -2.66
C SER A 92 8.61 -8.31 -2.17
N GLN A 93 9.37 -8.17 -1.06
CA GLN A 93 10.08 -9.32 -0.48
C GLN A 93 9.10 -10.36 0.09
N SER A 94 8.10 -9.94 0.87
CA SER A 94 7.07 -10.82 1.45
C SER A 94 6.20 -11.52 0.40
N SER A 95 5.85 -10.85 -0.70
CA SER A 95 5.10 -11.41 -1.82
C SER A 95 5.96 -12.40 -2.61
N SER A 96 7.19 -12.04 -3.02
CA SER A 96 8.10 -12.99 -3.69
C SER A 96 8.46 -14.19 -2.80
N ASN A 97 8.53 -14.01 -1.48
CA ASN A 97 8.63 -15.09 -0.51
C ASN A 97 7.38 -16.00 -0.55
N ALA A 98 6.16 -15.45 -0.58
CA ALA A 98 4.93 -16.23 -0.78
C ALA A 98 4.85 -16.97 -2.13
N ILE A 99 5.44 -16.43 -3.21
CA ILE A 99 5.53 -17.09 -4.53
C ILE A 99 6.39 -18.38 -4.45
N SER A 100 7.53 -18.36 -3.75
CA SER A 100 8.45 -19.51 -3.61
C SER A 100 9.19 -19.52 -2.27
N GLY A 101 8.49 -19.92 -1.19
CA GLY A 101 9.03 -19.93 0.18
C GLY A 101 7.99 -19.64 1.26
N ALA A 102 6.93 -20.45 1.37
CA ALA A 102 5.75 -20.20 2.21
C ALA A 102 6.05 -19.74 3.66
N THR A 103 7.04 -20.37 4.31
CA THR A 103 7.67 -20.00 5.61
C THR A 103 6.69 -19.35 6.62
N GLY A 104 5.59 -20.06 6.90
CA GLY A 104 4.44 -19.55 7.66
C GLY A 104 3.13 -19.72 6.89
N GLY A 105 2.13 -18.87 7.18
CA GLY A 105 0.85 -18.87 6.47
C GLY A 105 0.94 -18.34 5.03
N SER A 106 1.20 -17.03 4.89
CA SER A 106 1.28 -16.28 3.61
C SER A 106 1.36 -14.75 3.82
N ALA A 107 2.51 -14.25 4.30
CA ALA A 107 2.82 -12.83 4.59
C ALA A 107 1.92 -12.14 5.64
N PHE A 108 0.62 -11.99 5.37
CA PHE A 108 -0.42 -11.56 6.32
C PHE A 108 -1.39 -12.69 6.68
N ALA A 109 -1.37 -13.82 5.96
CA ALA A 109 -2.16 -15.03 6.22
C ALA A 109 -3.67 -14.76 6.47
N GLN A 110 -4.29 -13.94 5.61
CA GLN A 110 -5.64 -13.37 5.76
C GLN A 110 -5.94 -12.85 7.17
N SER A 111 -5.06 -11.95 7.65
CA SER A 111 -5.02 -11.42 9.03
C SER A 111 -4.82 -12.50 10.09
N GLN A 112 -3.81 -13.35 9.87
CA GLN A 112 -3.39 -14.46 10.75
C GLN A 112 -4.55 -15.40 11.15
N ALA A 113 -5.30 -15.87 10.14
CA ALA A 113 -6.51 -16.68 10.28
C ALA A 113 -6.59 -17.80 9.22
N PHE A 114 -5.47 -18.50 8.99
CA PHE A 114 -5.34 -19.58 8.00
C PHE A 114 -4.59 -20.78 8.59
N GLN A 115 -5.31 -21.88 8.85
CA GLN A 115 -4.81 -23.07 9.54
C GLN A 115 -4.02 -23.99 8.60
N GLN A 116 -2.76 -23.63 8.33
CA GLN A 116 -1.85 -24.28 7.39
C GLN A 116 -0.39 -24.20 7.88
N SER A 117 0.52 -24.90 7.19
CA SER A 117 1.95 -25.03 7.53
C SER A 117 2.88 -24.69 6.35
N ALA A 118 2.47 -24.99 5.10
CA ALA A 118 3.18 -24.65 3.87
C ALA A 118 2.23 -24.69 2.65
N GLY A 1 0.29 -12.26 -12.68
CA GLY A 1 -0.64 -12.21 -11.54
C GLY A 1 -0.54 -10.88 -10.79
N SER A 2 -0.12 -10.93 -9.52
CA SER A 2 -0.14 -9.81 -8.54
C SER A 2 -1.48 -9.05 -8.46
N GLU A 3 -1.53 -7.92 -7.73
CA GLU A 3 -2.74 -7.11 -7.51
C GLU A 3 -3.94 -7.93 -6.99
N GLN A 4 -3.68 -8.94 -6.15
CA GLN A 4 -4.67 -9.86 -5.59
C GLN A 4 -4.47 -10.13 -4.10
N GLN A 5 -3.28 -10.55 -3.68
CA GLN A 5 -2.88 -10.62 -2.26
C GLN A 5 -2.49 -9.21 -1.77
N ASP A 6 -1.80 -8.47 -2.64
CA ASP A 6 -1.32 -7.09 -2.53
C ASP A 6 -2.45 -6.04 -2.57
N LEU A 7 -3.66 -6.43 -2.16
CA LEU A 7 -4.90 -5.64 -2.21
C LEU A 7 -5.61 -5.71 -0.86
N ASP A 8 -5.88 -6.89 -0.32
CA ASP A 8 -6.55 -7.04 0.99
C ASP A 8 -5.59 -6.69 2.15
N ASP A 9 -4.35 -7.21 2.09
CA ASP A 9 -3.28 -6.83 3.02
C ASP A 9 -2.88 -5.36 2.83
N LEU A 10 -2.80 -4.88 1.57
CA LEU A 10 -2.44 -3.49 1.29
C LEU A 10 -3.53 -2.51 1.74
N ALA A 11 -4.81 -2.87 1.61
CA ALA A 11 -5.91 -2.09 2.17
C ALA A 11 -5.76 -1.96 3.69
N GLN A 12 -5.57 -3.06 4.42
CA GLN A 12 -5.42 -3.00 5.89
C GLN A 12 -4.19 -2.18 6.32
N VAL A 13 -3.04 -2.31 5.63
CA VAL A 13 -1.80 -1.59 6.01
C VAL A 13 -1.84 -0.11 5.63
N ILE A 14 -2.48 0.26 4.50
CA ILE A 14 -2.79 1.66 4.17
C ILE A 14 -3.81 2.23 5.15
N LEU A 15 -4.84 1.46 5.55
CA LEU A 15 -5.77 1.84 6.62
C LEU A 15 -5.03 2.16 7.92
N SER A 16 -4.10 1.32 8.37
CA SER A 16 -3.22 1.62 9.52
C SER A 16 -2.43 2.92 9.33
N ALA A 17 -1.88 3.17 8.13
CA ALA A 17 -1.10 4.38 7.86
C ALA A 17 -1.93 5.67 7.78
N VAL A 18 -3.14 5.64 7.21
CA VAL A 18 -4.05 6.81 7.19
C VAL A 18 -4.63 7.11 8.58
N THR A 19 -5.04 6.08 9.32
CA THR A 19 -5.59 6.19 10.68
C THR A 19 -4.53 6.38 11.78
N SER A 20 -3.23 6.22 11.45
CA SER A 20 -2.10 6.59 12.32
C SER A 20 -2.07 8.06 12.74
N ASN A 21 -2.86 8.91 12.06
CA ASN A 21 -3.06 10.33 12.36
C ASN A 21 -4.50 10.62 12.89
N THR A 22 -5.18 9.59 13.40
CA THR A 22 -6.51 9.61 14.04
C THR A 22 -7.64 10.22 13.18
N ASP A 23 -7.69 9.82 11.91
CA ASP A 23 -8.62 10.34 10.89
C ASP A 23 -9.51 9.24 10.28
N THR A 24 -10.64 8.91 10.92
CA THR A 24 -11.60 7.88 10.43
C THR A 24 -12.15 8.18 9.03
N SER A 25 -12.46 9.45 8.72
CA SER A 25 -12.95 9.88 7.39
C SER A 25 -11.97 9.59 6.24
N LYS A 26 -10.68 9.49 6.56
CA LYS A 26 -9.61 9.09 5.64
C LYS A 26 -9.72 7.62 5.18
N SER A 27 -10.36 6.77 5.97
CA SER A 27 -10.76 5.40 5.56
C SER A 27 -11.86 5.41 4.49
N ALA A 28 -12.81 6.37 4.55
CA ALA A 28 -13.77 6.59 3.47
C ALA A 28 -13.08 7.13 2.19
N ARG A 29 -12.00 7.92 2.32
CA ARG A 29 -11.15 8.27 1.16
C ARG A 29 -10.46 7.03 0.56
N ALA A 30 -10.01 6.09 1.40
CA ALA A 30 -9.37 4.84 0.95
C ALA A 30 -10.26 3.92 0.08
N GLN A 31 -11.58 4.14 0.05
CA GLN A 31 -12.46 3.50 -0.94
C GLN A 31 -12.17 3.96 -2.39
N ALA A 32 -11.59 5.15 -2.59
CA ALA A 32 -11.16 5.64 -3.91
C ALA A 32 -9.86 4.94 -4.40
N LEU A 33 -8.94 4.57 -3.49
CA LEU A 33 -7.80 3.71 -3.79
C LEU A 33 -8.26 2.39 -4.44
N SER A 34 -9.38 1.81 -4.01
CA SER A 34 -9.97 0.61 -4.66
C SER A 34 -10.35 0.82 -6.14
N THR A 35 -10.63 2.06 -6.58
CA THR A 35 -10.87 2.37 -8.00
C THR A 35 -9.60 2.18 -8.85
N ALA A 36 -8.42 2.44 -8.27
CA ALA A 36 -7.14 2.15 -8.91
C ALA A 36 -6.96 0.64 -9.12
N LEU A 37 -7.31 -0.16 -8.10
CA LEU A 37 -7.17 -1.62 -8.12
C LEU A 37 -8.17 -2.28 -9.09
N ALA A 38 -9.37 -1.71 -9.23
CA ALA A 38 -10.32 -2.07 -10.29
C ALA A 38 -9.78 -1.75 -11.70
N SER A 39 -9.09 -0.62 -11.89
CA SER A 39 -8.36 -0.31 -13.13
C SER A 39 -7.21 -1.29 -13.38
N SER A 40 -6.49 -1.71 -12.33
CA SER A 40 -5.44 -2.75 -12.41
C SER A 40 -5.96 -4.10 -12.93
N LEU A 41 -7.23 -4.45 -12.67
CA LEU A 41 -7.89 -5.64 -13.22
C LEU A 41 -7.91 -5.62 -14.76
N ALA A 42 -8.15 -4.46 -15.37
CA ALA A 42 -8.07 -4.28 -16.83
C ALA A 42 -6.61 -4.17 -17.31
N ASP A 43 -5.74 -3.49 -16.57
CA ASP A 43 -4.30 -3.36 -16.89
C ASP A 43 -3.59 -4.73 -16.96
N LEU A 44 -3.99 -5.69 -16.12
CA LEU A 44 -3.49 -7.08 -16.07
C LEU A 44 -3.65 -7.85 -17.40
N LEU A 45 -4.57 -7.45 -18.28
CA LEU A 45 -4.71 -8.01 -19.64
C LEU A 45 -3.49 -7.70 -20.54
N ILE A 46 -2.79 -6.60 -20.25
CA ILE A 46 -1.62 -6.09 -20.96
C ILE A 46 -0.35 -6.36 -20.12
N SER A 47 0.84 -6.29 -20.70
CA SER A 47 2.12 -6.41 -19.98
C SER A 47 2.38 -5.19 -19.08
N GLU A 48 2.97 -4.12 -19.63
CA GLU A 48 3.42 -2.89 -18.94
C GLU A 48 4.12 -3.11 -17.57
N SER A 49 4.77 -4.28 -17.38
CA SER A 49 5.35 -4.76 -16.12
C SER A 49 6.43 -3.82 -15.52
N SER A 50 7.12 -3.08 -16.38
CA SER A 50 8.13 -2.05 -16.06
C SER A 50 7.69 -0.64 -16.51
N GLY A 51 6.44 -0.50 -16.97
CA GLY A 51 5.82 0.76 -17.41
C GLY A 51 4.95 1.43 -16.35
N SER A 52 4.98 0.92 -15.11
CA SER A 52 4.38 1.49 -13.88
C SER A 52 2.93 1.98 -14.01
N SER A 53 2.11 1.38 -14.88
CA SER A 53 0.75 1.85 -15.17
C SER A 53 -0.15 1.83 -13.93
N TYR A 54 -0.14 0.74 -13.16
CA TYR A 54 -0.79 0.66 -11.85
C TYR A 54 0.01 1.39 -10.75
N GLN A 55 1.34 1.38 -10.78
CA GLN A 55 2.14 1.98 -9.70
C GLN A 55 1.96 3.50 -9.63
N THR A 56 1.98 4.21 -10.77
CA THR A 56 1.70 5.65 -10.84
C THR A 56 0.30 5.97 -10.31
N GLN A 57 -0.70 5.14 -10.64
CA GLN A 57 -2.05 5.25 -10.09
C GLN A 57 -2.02 5.08 -8.57
N ILE A 58 -1.58 3.94 -8.02
CA ILE A 58 -1.62 3.74 -6.55
C ILE A 58 -0.74 4.73 -5.79
N SER A 59 0.38 5.21 -6.32
CA SER A 59 1.18 6.27 -5.66
C SER A 59 0.43 7.60 -5.60
N ALA A 60 -0.25 7.99 -6.70
CA ALA A 60 -1.11 9.17 -6.74
C ALA A 60 -2.33 9.02 -5.83
N LEU A 61 -3.12 7.95 -5.98
CA LEU A 61 -4.30 7.68 -5.14
C LEU A 61 -3.92 7.51 -3.65
N THR A 62 -2.80 6.87 -3.31
CA THR A 62 -2.31 6.80 -1.92
C THR A 62 -2.10 8.20 -1.34
N ASN A 63 -1.36 9.08 -2.01
CA ASN A 63 -1.22 10.47 -1.55
C ASN A 63 -2.58 11.20 -1.52
N ILE A 64 -3.47 10.93 -2.46
CA ILE A 64 -4.82 11.52 -2.51
C ILE A 64 -5.67 11.22 -1.26
N LEU A 65 -5.43 10.11 -0.53
CA LEU A 65 -6.13 9.85 0.74
C LEU A 65 -5.85 10.93 1.79
N SER A 66 -4.63 11.46 1.89
CA SER A 66 -4.33 12.62 2.75
C SER A 66 -4.60 13.97 2.07
N ASP A 67 -4.34 14.08 0.77
CA ASP A 67 -4.57 15.32 0.01
C ASP A 67 -6.05 15.67 -0.20
N CYS A 68 -6.97 14.70 -0.09
CA CYS A 68 -8.42 14.94 -0.01
C CYS A 68 -8.86 15.47 1.38
N PHE A 69 -8.24 14.99 2.46
CA PHE A 69 -8.60 15.38 3.83
C PHE A 69 -8.03 16.76 4.22
N VAL A 70 -6.79 17.04 3.79
CA VAL A 70 -6.03 18.31 3.93
C VAL A 70 -5.68 18.72 5.37
N THR A 71 -6.65 18.72 6.30
CA THR A 71 -6.41 19.02 7.71
C THR A 71 -5.57 17.92 8.37
N THR A 72 -4.69 18.31 9.30
CA THR A 72 -3.69 17.47 10.02
C THR A 72 -2.62 16.77 9.16
N THR A 73 -2.96 16.25 7.97
CA THR A 73 -2.07 15.41 7.14
C THR A 73 -1.78 15.98 5.75
N GLY A 74 -2.09 17.27 5.53
CA GLY A 74 -1.79 18.02 4.30
C GLY A 74 -0.31 18.36 4.06
N SER A 75 0.59 18.00 4.96
CA SER A 75 2.05 18.02 4.72
C SER A 75 2.39 17.15 3.50
N ASN A 76 2.81 17.77 2.38
CA ASN A 76 3.04 17.08 1.11
C ASN A 76 3.99 15.88 1.27
N ASN A 77 3.63 14.74 0.68
CA ASN A 77 4.29 13.43 0.88
C ASN A 77 4.59 13.14 2.38
N PRO A 78 3.54 12.95 3.22
CA PRO A 78 3.70 12.78 4.67
C PRO A 78 4.33 11.42 5.02
N ALA A 79 4.54 11.17 6.33
CA ALA A 79 5.07 9.90 6.84
C ALA A 79 4.32 8.66 6.32
N PHE A 80 3.01 8.78 6.04
CA PHE A 80 2.19 7.76 5.37
C PHE A 80 2.66 7.41 3.95
N VAL A 81 3.04 8.38 3.12
CA VAL A 81 3.58 8.09 1.78
C VAL A 81 4.97 7.46 1.84
N SER A 82 5.81 7.89 2.79
CA SER A 82 7.08 7.20 3.08
C SER A 82 6.85 5.79 3.65
N ARG A 83 5.80 5.59 4.46
CA ARG A 83 5.37 4.27 4.94
C ARG A 83 5.06 3.35 3.76
N VAL A 84 4.26 3.76 2.76
CA VAL A 84 4.10 2.90 1.57
C VAL A 84 5.40 2.66 0.82
N GLN A 85 6.27 3.66 0.67
CA GLN A 85 7.56 3.46 -0.02
C GLN A 85 8.44 2.39 0.64
N THR A 86 8.51 2.36 1.98
CA THR A 86 9.26 1.35 2.75
C THR A 86 8.49 0.04 2.87
N LEU A 87 7.18 0.06 3.16
CA LEU A 87 6.38 -1.15 3.33
C LEU A 87 6.22 -1.91 2.01
N ILE A 88 6.08 -1.23 0.85
CA ILE A 88 6.00 -1.89 -0.47
C ILE A 88 7.27 -2.71 -0.74
N ALA A 89 8.45 -2.26 -0.32
CA ALA A 89 9.66 -3.08 -0.40
C ALA A 89 9.54 -4.37 0.43
N VAL A 90 9.11 -4.26 1.69
CA VAL A 90 8.90 -5.40 2.61
C VAL A 90 7.73 -6.31 2.18
N LEU A 91 6.69 -5.77 1.54
CA LEU A 91 5.48 -6.45 1.06
C LEU A 91 5.73 -7.18 -0.27
N SER A 92 6.38 -6.54 -1.23
CA SER A 92 6.85 -7.22 -2.45
C SER A 92 7.86 -8.32 -2.10
N GLN A 93 8.76 -8.08 -1.12
CA GLN A 93 9.62 -9.14 -0.58
C GLN A 93 8.84 -10.21 0.19
N SER A 94 7.82 -9.90 1.00
CA SER A 94 7.07 -10.93 1.74
C SER A 94 6.33 -11.89 0.80
N SER A 95 5.79 -11.39 -0.32
CA SER A 95 5.27 -12.23 -1.41
C SER A 95 6.35 -13.14 -2.01
N SER A 96 7.49 -12.59 -2.45
CA SER A 96 8.60 -13.38 -3.03
C SER A 96 9.26 -14.35 -2.02
N ASN A 97 9.28 -14.00 -0.73
CA ASN A 97 9.74 -14.85 0.37
C ASN A 97 8.76 -16.01 0.63
N ALA A 98 7.45 -15.76 0.54
CA ALA A 98 6.41 -16.78 0.62
C ALA A 98 6.39 -17.75 -0.58
N ILE A 99 6.85 -17.32 -1.77
CA ILE A 99 7.07 -18.22 -2.93
C ILE A 99 8.09 -19.32 -2.61
N SER A 100 9.22 -18.99 -1.96
CA SER A 100 10.18 -19.98 -1.45
C SER A 100 11.14 -19.42 -0.39
N GLY A 101 11.77 -18.26 -0.65
CA GLY A 101 12.67 -17.58 0.31
C GLY A 101 14.09 -17.36 -0.22
N ALA A 102 14.23 -16.61 -1.32
CA ALA A 102 15.48 -16.48 -2.09
C ALA A 102 15.80 -15.04 -2.55
N THR A 103 15.40 -14.02 -1.76
CA THR A 103 15.56 -12.59 -2.10
C THR A 103 16.40 -11.85 -1.05
N GLY A 104 15.86 -11.62 0.16
CA GLY A 104 16.55 -10.91 1.25
C GLY A 104 17.06 -9.49 0.89
N GLY A 105 18.02 -8.99 1.66
CA GLY A 105 18.71 -7.72 1.39
C GLY A 105 18.46 -6.62 2.43
N SER A 106 18.60 -6.93 3.73
CA SER A 106 18.47 -5.98 4.86
C SER A 106 17.14 -5.20 4.88
N ALA A 107 16.03 -5.92 4.89
CA ALA A 107 14.66 -5.39 4.69
C ALA A 107 13.79 -5.46 5.97
N PHE A 108 14.27 -4.84 7.06
CA PHE A 108 13.55 -4.76 8.36
C PHE A 108 13.57 -3.38 9.05
N ALA A 109 14.49 -2.47 8.69
CA ALA A 109 14.66 -1.14 9.32
C ALA A 109 14.60 -1.14 10.87
N GLN A 110 15.27 -2.10 11.50
CA GLN A 110 15.18 -2.43 12.94
C GLN A 110 13.73 -2.46 13.45
N SER A 111 13.00 -3.52 13.07
CA SER A 111 11.56 -3.73 13.30
C SER A 111 10.68 -2.49 13.00
N GLN A 112 10.99 -1.80 11.89
CA GLN A 112 10.40 -0.52 11.45
C GLN A 112 10.39 0.57 12.55
N ALA A 113 11.45 0.61 13.37
CA ALA A 113 11.58 1.49 14.54
C ALA A 113 13.03 2.00 14.73
N PHE A 114 13.80 2.14 13.63
CA PHE A 114 15.16 2.69 13.61
C PHE A 114 15.26 4.02 14.38
N GLN A 115 16.03 4.03 15.48
CA GLN A 115 16.11 5.08 16.51
C GLN A 115 14.78 5.49 17.16
N GLN A 116 14.75 5.51 18.50
CA GLN A 116 13.61 5.96 19.30
C GLN A 116 14.06 6.41 20.71
N SER A 117 13.47 7.49 21.23
CA SER A 117 13.61 7.96 22.62
C SER A 117 12.46 8.90 23.00
N ALA A 118 12.35 9.23 24.30
CA ALA A 118 11.30 10.06 24.93
C ALA A 118 9.87 9.81 24.38
N GLY A 1 -3.09 -14.26 -7.00
CA GLY A 1 -2.08 -13.68 -7.92
C GLY A 1 -1.28 -12.55 -7.27
N SER A 2 -0.32 -12.00 -8.02
CA SER A 2 0.51 -10.85 -7.61
C SER A 2 -0.12 -9.51 -8.01
N GLU A 3 0.44 -8.41 -7.49
CA GLU A 3 -0.03 -7.01 -7.60
C GLU A 3 -1.51 -6.72 -7.27
N GLN A 4 -2.24 -7.69 -6.70
CA GLN A 4 -3.69 -7.60 -6.46
C GLN A 4 -4.10 -8.19 -5.10
N GLN A 5 -3.66 -9.39 -4.72
CA GLN A 5 -3.78 -9.85 -3.32
C GLN A 5 -3.00 -8.94 -2.36
N ASP A 6 -1.91 -8.34 -2.86
CA ASP A 6 -1.17 -7.29 -2.17
C ASP A 6 -2.05 -6.09 -1.81
N LEU A 7 -3.05 -5.72 -2.63
CA LEU A 7 -3.89 -4.55 -2.37
C LEU A 7 -4.68 -4.65 -1.06
N ASP A 8 -5.15 -5.85 -0.69
CA ASP A 8 -5.85 -6.09 0.57
C ASP A 8 -4.89 -5.99 1.77
N ASP A 9 -3.67 -6.52 1.66
CA ASP A 9 -2.64 -6.37 2.68
C ASP A 9 -2.20 -4.91 2.82
N LEU A 10 -1.98 -4.20 1.70
CA LEU A 10 -1.76 -2.76 1.67
C LEU A 10 -2.93 -2.02 2.31
N ALA A 11 -4.19 -2.35 2.00
CA ALA A 11 -5.34 -1.70 2.63
C ALA A 11 -5.29 -1.76 4.17
N GLN A 12 -4.92 -2.91 4.78
CA GLN A 12 -4.84 -3.01 6.24
C GLN A 12 -3.77 -2.09 6.85
N VAL A 13 -2.55 -2.07 6.28
CA VAL A 13 -1.43 -1.26 6.77
C VAL A 13 -1.57 0.22 6.40
N ILE A 14 -2.17 0.52 5.23
CA ILE A 14 -2.55 1.87 4.81
C ILE A 14 -3.59 2.41 5.79
N LEU A 15 -4.66 1.67 6.15
CA LEU A 15 -5.60 2.03 7.21
C LEU A 15 -4.89 2.40 8.53
N SER A 16 -3.95 1.57 8.99
CA SER A 16 -3.09 1.86 10.15
C SER A 16 -2.11 3.04 9.99
N ALA A 17 -2.02 3.67 8.80
CA ALA A 17 -1.13 4.79 8.49
C ALA A 17 -1.92 6.08 8.15
N VAL A 18 -2.97 6.00 7.33
CA VAL A 18 -3.92 7.10 7.05
C VAL A 18 -4.67 7.55 8.30
N THR A 19 -5.04 6.59 9.18
CA THR A 19 -5.74 6.85 10.46
C THR A 19 -4.76 6.94 11.64
N SER A 20 -3.44 6.77 11.41
CA SER A 20 -2.39 6.94 12.44
C SER A 20 -2.38 8.34 13.07
N ASN A 21 -2.73 9.36 12.28
CA ASN A 21 -2.86 10.75 12.73
C ASN A 21 -4.18 10.95 13.50
N THR A 22 -5.31 11.03 12.77
CA THR A 22 -6.71 11.12 13.25
C THR A 22 -7.62 11.48 12.08
N ASP A 23 -8.53 10.57 11.70
CA ASP A 23 -9.52 10.80 10.62
C ASP A 23 -10.69 9.79 10.66
N THR A 24 -10.37 8.49 10.66
CA THR A 24 -11.31 7.34 10.61
C THR A 24 -12.10 7.19 9.29
N SER A 25 -12.57 8.26 8.66
CA SER A 25 -13.20 8.22 7.32
C SER A 25 -12.21 7.87 6.21
N LYS A 26 -10.90 8.09 6.41
CA LYS A 26 -9.79 7.62 5.57
C LYS A 26 -9.78 6.10 5.33
N SER A 27 -10.40 5.30 6.19
CA SER A 27 -10.68 3.88 5.92
C SER A 27 -11.60 3.67 4.72
N ALA A 28 -12.58 4.54 4.49
CA ALA A 28 -13.43 4.54 3.29
C ALA A 28 -12.67 5.06 2.05
N ARG A 29 -11.78 6.07 2.19
CA ARG A 29 -10.92 6.52 1.09
C ARG A 29 -10.07 5.39 0.50
N ALA A 30 -9.58 4.44 1.32
CA ALA A 30 -8.85 3.27 0.83
C ALA A 30 -9.62 2.40 -0.20
N GLN A 31 -10.95 2.46 -0.21
CA GLN A 31 -11.78 1.80 -1.23
C GLN A 31 -11.66 2.46 -2.62
N ALA A 32 -11.31 3.76 -2.68
CA ALA A 32 -10.96 4.45 -3.92
C ALA A 32 -9.57 4.05 -4.43
N LEU A 33 -8.62 3.71 -3.55
CA LEU A 33 -7.33 3.08 -3.92
C LEU A 33 -7.58 1.79 -4.74
N SER A 34 -8.54 0.96 -4.35
CA SER A 34 -8.93 -0.24 -5.11
C SER A 34 -9.37 0.05 -6.56
N THR A 35 -9.79 1.27 -6.89
CA THR A 35 -10.09 1.67 -8.28
C THR A 35 -8.86 1.70 -9.18
N ALA A 36 -7.68 2.03 -8.64
CA ALA A 36 -6.40 1.94 -9.36
C ALA A 36 -6.03 0.49 -9.70
N LEU A 37 -6.42 -0.46 -8.85
CA LEU A 37 -6.15 -1.88 -8.99
C LEU A 37 -7.16 -2.55 -9.93
N ALA A 38 -8.43 -2.13 -9.87
CA ALA A 38 -9.43 -2.46 -10.90
C ALA A 38 -9.02 -1.93 -12.28
N SER A 39 -8.48 -0.71 -12.32
CA SER A 39 -7.87 -0.12 -13.53
C SER A 39 -6.64 -0.91 -14.01
N SER A 40 -5.75 -1.37 -13.10
CA SER A 40 -4.64 -2.28 -13.43
C SER A 40 -5.12 -3.55 -14.14
N LEU A 41 -6.17 -4.20 -13.62
CA LEU A 41 -6.80 -5.39 -14.22
C LEU A 41 -7.18 -5.17 -15.71
N ALA A 42 -7.70 -3.98 -16.05
CA ALA A 42 -7.94 -3.59 -17.44
C ALA A 42 -6.66 -3.18 -18.20
N ASP A 43 -5.71 -2.48 -17.55
CA ASP A 43 -4.44 -2.05 -18.16
C ASP A 43 -3.58 -3.24 -18.63
N LEU A 44 -3.60 -4.36 -17.89
CA LEU A 44 -2.95 -5.63 -18.29
C LEU A 44 -3.51 -6.20 -19.62
N LEU A 45 -4.78 -5.93 -19.96
CA LEU A 45 -5.38 -6.27 -21.25
C LEU A 45 -5.06 -5.21 -22.34
N ILE A 46 -5.05 -3.93 -21.98
CA ILE A 46 -4.74 -2.80 -22.86
C ILE A 46 -3.25 -2.77 -23.29
N SER A 47 -2.36 -3.29 -22.45
CA SER A 47 -0.90 -3.43 -22.62
C SER A 47 -0.08 -2.15 -22.34
N GLU A 48 -0.73 -1.06 -21.90
CA GLU A 48 -0.07 0.22 -21.56
C GLU A 48 0.57 0.25 -20.15
N SER A 49 0.54 -0.88 -19.42
CA SER A 49 1.18 -1.10 -18.11
C SER A 49 2.68 -0.75 -18.00
N SER A 50 3.40 -0.48 -19.10
CA SER A 50 4.83 -0.17 -19.08
C SER A 50 5.23 1.06 -18.24
N GLY A 51 4.32 2.03 -18.07
CA GLY A 51 4.57 3.28 -17.32
C GLY A 51 3.68 3.51 -16.09
N SER A 52 2.52 2.86 -16.00
CA SER A 52 1.55 3.04 -14.90
C SER A 52 0.75 1.77 -14.55
N SER A 53 1.43 0.61 -14.59
CA SER A 53 0.88 -0.74 -14.33
C SER A 53 -0.14 -0.77 -13.19
N TYR A 54 0.31 -0.40 -11.98
CA TYR A 54 -0.49 -0.26 -10.76
C TYR A 54 0.20 0.72 -9.80
N GLN A 55 1.48 0.49 -9.48
CA GLN A 55 2.17 1.20 -8.41
C GLN A 55 2.31 2.72 -8.65
N THR A 56 2.46 3.16 -9.91
CA THR A 56 2.46 4.60 -10.25
C THR A 56 1.15 5.27 -9.88
N GLN A 57 0.01 4.61 -10.17
CA GLN A 57 -1.31 5.12 -9.78
C GLN A 57 -1.52 4.95 -8.27
N ILE A 58 -1.03 3.87 -7.63
CA ILE A 58 -1.03 3.76 -6.16
C ILE A 58 -0.26 4.92 -5.52
N SER A 59 0.90 5.35 -6.04
CA SER A 59 1.60 6.53 -5.50
C SER A 59 0.76 7.82 -5.55
N ALA A 60 -0.11 7.97 -6.56
CA ALA A 60 -1.09 9.06 -6.62
C ALA A 60 -2.26 8.83 -5.66
N LEU A 61 -2.96 7.70 -5.76
CA LEU A 61 -4.12 7.37 -4.90
C LEU A 61 -3.75 7.35 -3.42
N THR A 62 -2.66 6.68 -3.03
CA THR A 62 -2.20 6.60 -1.64
C THR A 62 -1.87 7.99 -1.06
N ASN A 63 -1.35 8.93 -1.86
CA ASN A 63 -1.26 10.34 -1.46
C ASN A 63 -2.68 10.97 -1.30
N ILE A 64 -3.53 10.83 -2.33
CA ILE A 64 -4.90 11.36 -2.40
C ILE A 64 -5.81 10.84 -1.27
N LEU A 65 -5.64 9.61 -0.81
CA LEU A 65 -6.34 9.00 0.33
C LEU A 65 -6.23 9.88 1.58
N SER A 66 -4.99 10.29 1.92
CA SER A 66 -4.77 11.23 3.02
C SER A 66 -5.12 12.66 2.65
N ASP A 67 -4.75 13.11 1.44
CA ASP A 67 -5.00 14.48 0.97
C ASP A 67 -6.50 14.82 0.82
N CYS A 68 -7.39 13.82 0.77
CA CYS A 68 -8.84 14.01 0.77
C CYS A 68 -9.36 14.80 2.00
N PHE A 69 -8.62 14.80 3.11
CA PHE A 69 -8.90 15.63 4.28
C PHE A 69 -8.42 17.10 4.13
N VAL A 70 -7.33 17.31 3.36
CA VAL A 70 -6.53 18.56 3.26
C VAL A 70 -6.01 19.05 4.65
N THR A 71 -5.12 20.05 4.68
CA THR A 71 -4.65 20.72 5.93
C THR A 71 -3.76 19.84 6.83
N THR A 72 -3.42 18.63 6.40
CA THR A 72 -2.62 17.63 7.15
C THR A 72 -1.80 16.77 6.18
N THR A 73 -1.46 15.55 6.59
CA THR A 73 -0.94 14.47 5.72
C THR A 73 -1.69 14.39 4.37
N GLY A 74 -0.94 14.26 3.27
CA GLY A 74 -1.44 14.32 1.90
C GLY A 74 -0.36 14.84 0.93
N SER A 75 -0.61 15.98 0.28
CA SER A 75 0.34 16.73 -0.58
C SER A 75 1.54 17.37 0.17
N ASN A 76 2.05 16.69 1.22
CA ASN A 76 3.15 17.13 2.08
C ASN A 76 4.18 16.01 2.37
N ASN A 77 4.16 14.92 1.56
CA ASN A 77 4.93 13.68 1.73
C ASN A 77 5.00 13.17 3.19
N PRO A 78 3.85 12.75 3.77
CA PRO A 78 3.75 12.38 5.18
C PRO A 78 4.50 11.08 5.52
N ALA A 79 4.67 10.84 6.82
CA ALA A 79 5.22 9.59 7.36
C ALA A 79 4.49 8.35 6.83
N PHE A 80 3.17 8.45 6.59
CA PHE A 80 2.38 7.42 5.91
C PHE A 80 2.85 7.13 4.48
N VAL A 81 2.91 8.13 3.59
CA VAL A 81 3.25 7.91 2.17
C VAL A 81 4.69 7.43 2.02
N SER A 82 5.60 7.93 2.88
CA SER A 82 6.98 7.45 2.98
C SER A 82 7.06 6.03 3.54
N ARG A 83 6.28 5.71 4.60
CA ARG A 83 6.10 4.34 5.11
C ARG A 83 5.60 3.41 4.02
N VAL A 84 4.67 3.80 3.15
CA VAL A 84 4.22 2.96 2.04
C VAL A 84 5.37 2.48 1.14
N GLN A 85 6.38 3.32 0.85
CA GLN A 85 7.56 2.91 0.09
C GLN A 85 8.43 1.90 0.87
N THR A 86 8.73 2.19 2.14
CA THR A 86 9.53 1.31 3.02
C THR A 86 8.83 -0.03 3.30
N LEU A 87 7.52 0.01 3.57
CA LEU A 87 6.69 -1.17 3.83
C LEU A 87 6.42 -1.96 2.55
N ILE A 88 6.33 -1.35 1.36
CA ILE A 88 6.21 -2.11 0.09
C ILE A 88 7.37 -3.11 -0.07
N ALA A 89 8.60 -2.74 0.33
CA ALA A 89 9.71 -3.69 0.40
C ALA A 89 9.45 -4.81 1.41
N VAL A 90 9.02 -4.49 2.64
CA VAL A 90 8.64 -5.48 3.67
C VAL A 90 7.46 -6.37 3.25
N LEU A 91 6.49 -5.87 2.49
CA LEU A 91 5.35 -6.59 1.93
C LEU A 91 5.81 -7.60 0.88
N SER A 92 6.60 -7.16 -0.10
CA SER A 92 7.17 -8.06 -1.13
C SER A 92 8.10 -9.11 -0.50
N GLN A 93 8.96 -8.70 0.45
CA GLN A 93 9.79 -9.63 1.22
C GLN A 93 8.97 -10.56 2.11
N SER A 94 7.88 -10.12 2.73
CA SER A 94 6.99 -10.96 3.55
C SER A 94 6.31 -12.04 2.71
N SER A 95 5.84 -11.71 1.50
CA SER A 95 5.35 -12.71 0.54
C SER A 95 6.43 -13.73 0.15
N SER A 96 7.63 -13.28 -0.26
CA SER A 96 8.75 -14.17 -0.60
C SER A 96 9.28 -14.99 0.59
N ASN A 97 9.20 -14.45 1.81
CA ASN A 97 9.52 -15.13 3.06
C ASN A 97 8.48 -16.21 3.38
N ALA A 98 7.18 -15.92 3.23
CA ALA A 98 6.10 -16.89 3.42
C ALA A 98 6.17 -18.08 2.42
N ILE A 99 6.68 -17.86 1.21
CA ILE A 99 6.94 -18.91 0.21
C ILE A 99 7.97 -19.96 0.70
N SER A 100 8.97 -19.57 1.51
CA SER A 100 10.06 -20.47 1.95
C SER A 100 10.80 -19.99 3.22
N GLY A 101 10.06 -19.83 4.33
CA GLY A 101 10.58 -19.21 5.56
C GLY A 101 9.54 -19.14 6.68
N ALA A 102 9.41 -20.20 7.49
CA ALA A 102 8.51 -20.25 8.64
C ALA A 102 8.85 -19.24 9.77
N THR A 103 10.10 -18.76 9.82
CA THR A 103 10.59 -17.72 10.75
C THR A 103 10.00 -16.34 10.43
N GLY A 104 9.08 -15.85 11.27
CA GLY A 104 8.42 -14.54 11.10
C GLY A 104 8.14 -13.82 12.43
N GLY A 105 7.31 -14.41 13.29
CA GLY A 105 6.92 -13.83 14.58
C GLY A 105 5.62 -14.45 15.12
N SER A 106 4.59 -13.61 15.26
CA SER A 106 3.24 -13.96 15.74
C SER A 106 2.16 -13.15 15.01
N ALA A 107 1.91 -13.49 13.74
CA ALA A 107 0.89 -12.88 12.87
C ALA A 107 -0.58 -13.25 13.25
N PHE A 108 -0.88 -13.30 14.55
CA PHE A 108 -2.13 -13.84 15.11
C PHE A 108 -3.20 -12.76 15.41
N ALA A 109 -2.81 -11.49 15.46
CA ALA A 109 -3.66 -10.32 15.74
C ALA A 109 -3.13 -9.06 15.05
N GLN A 110 -3.35 -8.96 13.72
CA GLN A 110 -2.80 -7.93 12.82
C GLN A 110 -1.30 -7.65 13.04
N SER A 111 -0.48 -8.70 12.91
CA SER A 111 0.97 -8.68 13.22
C SER A 111 1.26 -8.27 14.68
N GLN A 112 0.61 -8.99 15.62
CA GLN A 112 0.65 -8.78 17.09
C GLN A 112 0.58 -7.30 17.55
N ALA A 113 -0.30 -6.52 16.91
CA ALA A 113 -0.46 -5.08 17.16
C ALA A 113 -1.61 -4.75 18.15
N PHE A 114 -2.53 -5.69 18.40
CA PHE A 114 -3.63 -5.59 19.35
C PHE A 114 -4.45 -4.28 19.28
N GLN A 115 -4.72 -3.80 18.05
CA GLN A 115 -5.46 -2.57 17.75
C GLN A 115 -6.35 -2.77 16.51
N GLN A 116 -7.66 -2.54 16.70
CA GLN A 116 -8.77 -2.82 15.77
C GLN A 116 -8.96 -4.33 15.46
N SER A 117 -10.20 -4.75 15.19
CA SER A 117 -10.58 -6.14 14.87
C SER A 117 -11.95 -6.21 14.17
N ALA A 118 -12.09 -5.47 13.05
CA ALA A 118 -13.30 -5.38 12.23
C ALA A 118 -12.98 -5.24 10.72
N GLY A 1 0.11 -12.88 -13.13
CA GLY A 1 0.24 -13.16 -11.68
C GLY A 1 0.98 -12.04 -10.96
N SER A 2 0.75 -11.91 -9.65
CA SER A 2 1.16 -10.76 -8.81
C SER A 2 0.70 -9.39 -9.36
N GLU A 3 1.12 -8.28 -8.72
CA GLU A 3 0.66 -6.91 -9.00
C GLU A 3 -0.88 -6.74 -8.92
N GLN A 4 -1.53 -7.56 -8.09
CA GLN A 4 -2.96 -7.48 -7.78
C GLN A 4 -3.26 -7.83 -6.32
N GLN A 5 -2.89 -9.01 -5.83
CA GLN A 5 -3.07 -9.37 -4.40
C GLN A 5 -2.35 -8.39 -3.46
N ASP A 6 -1.27 -7.79 -3.97
CA ASP A 6 -0.53 -6.68 -3.37
C ASP A 6 -1.43 -5.49 -3.02
N LEU A 7 -2.34 -5.08 -3.90
CA LEU A 7 -3.18 -3.89 -3.69
C LEU A 7 -4.10 -4.01 -2.46
N ASP A 8 -4.53 -5.23 -2.14
CA ASP A 8 -5.40 -5.51 -0.99
C ASP A 8 -4.62 -5.44 0.33
N ASP A 9 -3.33 -5.86 0.31
CA ASP A 9 -2.38 -5.54 1.38
C ASP A 9 -2.12 -4.03 1.46
N LEU A 10 -1.90 -3.33 0.34
CA LEU A 10 -1.75 -1.87 0.29
C LEU A 10 -2.93 -1.18 0.98
N ALA A 11 -4.17 -1.56 0.67
CA ALA A 11 -5.34 -1.05 1.37
C ALA A 11 -5.26 -1.27 2.89
N GLN A 12 -4.88 -2.47 3.36
CA GLN A 12 -4.78 -2.78 4.79
C GLN A 12 -3.66 -1.98 5.51
N VAL A 13 -2.47 -1.86 4.92
CA VAL A 13 -1.30 -1.18 5.53
C VAL A 13 -1.38 0.33 5.40
N ILE A 14 -1.90 0.85 4.27
CA ILE A 14 -2.20 2.27 4.13
C ILE A 14 -3.27 2.63 5.16
N LEU A 15 -4.32 1.82 5.35
CA LEU A 15 -5.32 2.02 6.41
C LEU A 15 -4.66 2.13 7.80
N SER A 16 -3.74 1.23 8.16
CA SER A 16 -2.97 1.35 9.40
C SER A 16 -2.12 2.63 9.47
N ALA A 17 -1.53 3.09 8.36
CA ALA A 17 -0.73 4.31 8.31
C ALA A 17 -1.57 5.60 8.41
N VAL A 18 -2.62 5.73 7.59
CA VAL A 18 -3.55 6.88 7.56
C VAL A 18 -4.35 7.00 8.85
N THR A 19 -4.70 5.88 9.51
CA THR A 19 -5.41 5.87 10.81
C THR A 19 -4.46 5.97 12.01
N SER A 20 -3.15 5.79 11.82
CA SER A 20 -2.11 6.05 12.84
C SER A 20 -2.08 7.51 13.32
N ASN A 21 -2.74 8.41 12.60
CA ASN A 21 -2.96 9.83 12.94
C ASN A 21 -4.39 10.08 13.50
N THR A 22 -5.07 9.02 13.99
CA THR A 22 -6.44 8.99 14.53
C THR A 22 -7.51 9.60 13.60
N ASP A 23 -7.52 9.14 12.36
CA ASP A 23 -8.38 9.64 11.27
C ASP A 23 -9.30 8.54 10.70
N THR A 24 -10.37 8.20 11.42
CA THR A 24 -11.39 7.22 10.95
C THR A 24 -12.04 7.62 9.62
N SER A 25 -12.05 8.91 9.25
CA SER A 25 -12.49 9.40 7.93
C SER A 25 -11.76 8.73 6.75
N LYS A 26 -10.53 8.24 6.97
CA LYS A 26 -9.72 7.55 5.96
C LYS A 26 -10.25 6.13 5.65
N SER A 27 -10.99 5.50 6.57
CA SER A 27 -11.68 4.21 6.31
C SER A 27 -12.81 4.35 5.29
N ALA A 28 -13.46 5.51 5.19
CA ALA A 28 -14.38 5.80 4.07
C ALA A 28 -13.62 5.94 2.74
N ARG A 29 -12.43 6.57 2.75
CA ARG A 29 -11.52 6.67 1.60
C ARG A 29 -10.93 5.33 1.14
N ALA A 30 -10.88 4.30 1.98
CA ALA A 30 -10.50 2.93 1.57
C ALA A 30 -11.30 2.44 0.34
N GLN A 31 -12.59 2.78 0.30
CA GLN A 31 -13.51 2.45 -0.79
C GLN A 31 -13.19 3.23 -2.10
N ALA A 32 -12.52 4.40 -1.99
CA ALA A 32 -11.98 5.14 -3.12
C ALA A 32 -10.59 4.63 -3.56
N LEU A 33 -9.75 4.12 -2.66
CA LEU A 33 -8.52 3.39 -3.05
C LEU A 33 -8.86 2.18 -3.95
N SER A 34 -10.00 1.52 -3.74
CA SER A 34 -10.53 0.48 -4.64
C SER A 34 -10.79 0.98 -6.07
N THR A 35 -10.98 2.29 -6.30
CA THR A 35 -11.08 2.86 -7.66
C THR A 35 -9.74 2.83 -8.40
N ALA A 36 -8.61 2.95 -7.69
CA ALA A 36 -7.29 2.67 -8.27
C ALA A 36 -7.15 1.19 -8.66
N LEU A 37 -7.67 0.26 -7.83
CA LEU A 37 -7.74 -1.17 -8.16
C LEU A 37 -8.42 -1.43 -9.51
N ALA A 38 -9.55 -0.78 -9.79
CA ALA A 38 -10.27 -0.96 -11.05
C ALA A 38 -9.39 -0.62 -12.27
N SER A 39 -8.58 0.44 -12.16
CA SER A 39 -7.56 0.81 -13.15
C SER A 39 -6.39 -0.18 -13.19
N SER A 40 -5.90 -0.67 -12.04
CA SER A 40 -4.81 -1.67 -11.95
C SER A 40 -5.19 -3.03 -12.56
N LEU A 41 -6.44 -3.46 -12.38
CA LEU A 41 -7.05 -4.64 -13.03
C LEU A 41 -6.99 -4.52 -14.57
N ALA A 42 -7.24 -3.32 -15.12
CA ALA A 42 -7.05 -3.06 -16.55
C ALA A 42 -5.55 -2.95 -16.94
N ASP A 43 -4.69 -2.44 -16.05
CA ASP A 43 -3.23 -2.42 -16.24
C ASP A 43 -2.66 -3.84 -16.48
N LEU A 44 -3.17 -4.86 -15.77
CA LEU A 44 -2.79 -6.26 -15.94
C LEU A 44 -3.07 -6.83 -17.35
N LEU A 45 -4.00 -6.24 -18.12
CA LEU A 45 -4.28 -6.63 -19.52
C LEU A 45 -3.14 -6.26 -20.49
N ILE A 46 -2.44 -5.16 -20.21
CA ILE A 46 -1.29 -4.62 -20.98
C ILE A 46 0.04 -4.92 -20.24
N SER A 47 1.18 -4.44 -20.76
CA SER A 47 2.50 -4.69 -20.18
C SER A 47 2.62 -4.17 -18.74
N GLU A 48 2.64 -2.84 -18.56
CA GLU A 48 2.72 -2.13 -17.27
C GLU A 48 3.75 -2.70 -16.26
N SER A 49 4.81 -3.38 -16.72
CA SER A 49 5.78 -4.08 -15.86
C SER A 49 6.56 -3.16 -14.91
N SER A 50 6.90 -1.95 -15.36
CA SER A 50 7.48 -0.88 -14.51
C SER A 50 6.41 -0.08 -13.77
N GLY A 51 5.13 -0.27 -14.13
CA GLY A 51 3.96 0.26 -13.43
C GLY A 51 3.84 -0.24 -11.99
N SER A 52 4.33 -1.45 -11.68
CA SER A 52 4.50 -1.97 -10.31
C SER A 52 3.26 -1.78 -9.40
N SER A 53 2.16 -2.45 -9.74
CA SER A 53 0.83 -2.23 -9.15
C SER A 53 0.38 -0.75 -9.26
N TYR A 54 0.36 -0.25 -10.50
CA TYR A 54 0.03 1.13 -10.90
C TYR A 54 0.54 2.23 -9.94
N GLN A 55 1.84 2.25 -9.65
CA GLN A 55 2.52 3.14 -8.69
C GLN A 55 2.10 4.62 -8.76
N THR A 56 1.86 5.17 -9.95
CA THR A 56 1.36 6.55 -10.12
C THR A 56 -0.06 6.70 -9.56
N GLN A 57 -0.99 5.81 -9.94
CA GLN A 57 -2.37 5.81 -9.47
C GLN A 57 -2.49 5.42 -7.99
N ILE A 58 -1.73 4.43 -7.51
CA ILE A 58 -1.71 4.05 -6.09
C ILE A 58 -1.12 5.17 -5.24
N SER A 59 0.01 5.79 -5.61
CA SER A 59 0.55 6.95 -4.89
C SER A 59 -0.43 8.14 -4.89
N ALA A 60 -1.06 8.41 -6.05
CA ALA A 60 -2.09 9.45 -6.17
C ALA A 60 -3.32 9.16 -5.29
N LEU A 61 -3.94 7.98 -5.38
CA LEU A 61 -5.09 7.64 -4.52
C LEU A 61 -4.70 7.57 -3.04
N THR A 62 -3.51 7.04 -2.69
CA THR A 62 -2.95 7.11 -1.32
C THR A 62 -2.90 8.55 -0.80
N ASN A 63 -2.43 9.48 -1.64
CA ASN A 63 -2.51 10.93 -1.36
C ASN A 63 -3.95 11.45 -1.29
N ILE A 64 -4.90 10.99 -2.12
CA ILE A 64 -6.31 11.38 -2.00
C ILE A 64 -6.91 10.91 -0.66
N LEU A 65 -6.49 9.75 -0.11
CA LEU A 65 -6.96 9.31 1.21
C LEU A 65 -6.53 10.31 2.29
N SER A 66 -5.25 10.70 2.28
CA SER A 66 -4.71 11.68 3.24
C SER A 66 -5.33 13.07 3.05
N ASP A 67 -5.36 13.56 1.80
CA ASP A 67 -5.93 14.84 1.37
C ASP A 67 -7.42 15.03 1.75
N CYS A 68 -8.17 13.94 1.90
CA CYS A 68 -9.56 13.94 2.37
C CYS A 68 -9.72 14.53 3.79
N PHE A 69 -8.80 14.20 4.71
CA PHE A 69 -8.81 14.71 6.08
C PHE A 69 -8.40 16.19 6.13
N VAL A 70 -7.25 16.53 5.55
CA VAL A 70 -6.71 17.90 5.42
C VAL A 70 -5.98 18.03 4.09
N THR A 71 -6.05 19.22 3.47
CA THR A 71 -5.36 19.48 2.19
C THR A 71 -3.87 19.07 2.23
N THR A 72 -3.50 18.18 1.31
CA THR A 72 -2.15 17.64 1.06
C THR A 72 -1.31 17.29 2.31
N THR A 73 -1.83 16.41 3.19
CA THR A 73 -1.20 15.97 4.46
C THR A 73 0.34 15.87 4.39
N GLY A 74 1.01 16.59 5.30
CA GLY A 74 2.46 16.84 5.26
C GLY A 74 2.83 17.83 4.14
N SER A 75 2.89 17.34 2.89
CA SER A 75 3.34 18.09 1.71
C SER A 75 3.05 17.37 0.37
N ASN A 76 1.82 16.84 0.21
CA ASN A 76 1.41 15.95 -0.91
C ASN A 76 2.23 14.63 -0.97
N ASN A 77 2.82 14.26 0.17
CA ASN A 77 3.59 13.04 0.41
C ASN A 77 3.70 12.86 1.94
N PRO A 78 2.65 12.37 2.62
CA PRO A 78 2.71 12.07 4.05
C PRO A 78 3.62 10.87 4.32
N ALA A 79 3.80 10.53 5.61
CA ALA A 79 4.41 9.27 6.02
C ALA A 79 3.79 8.05 5.30
N PHE A 80 2.52 8.11 4.89
CA PHE A 80 1.80 7.00 4.25
C PHE A 80 2.28 6.74 2.81
N VAL A 81 2.51 7.78 1.99
CA VAL A 81 3.09 7.61 0.64
C VAL A 81 4.56 7.25 0.70
N SER A 82 5.34 7.86 1.61
CA SER A 82 6.74 7.45 1.83
C SER A 82 6.81 5.99 2.31
N ARG A 83 5.90 5.59 3.21
CA ARG A 83 5.68 4.20 3.60
C ARG A 83 5.22 3.32 2.44
N VAL A 84 4.44 3.78 1.45
CA VAL A 84 4.16 2.97 0.24
C VAL A 84 5.46 2.49 -0.42
N GLN A 85 6.49 3.32 -0.62
CA GLN A 85 7.75 2.81 -1.19
C GLN A 85 8.50 1.85 -0.24
N THR A 86 8.67 2.21 1.04
CA THR A 86 9.37 1.36 2.04
C THR A 86 8.65 0.02 2.25
N LEU A 87 7.32 0.06 2.39
CA LEU A 87 6.49 -1.12 2.54
C LEU A 87 6.41 -1.93 1.25
N ILE A 88 6.34 -1.34 0.04
CA ILE A 88 6.32 -2.10 -1.22
C ILE A 88 7.55 -3.03 -1.30
N ALA A 89 8.72 -2.58 -0.85
CA ALA A 89 9.90 -3.44 -0.73
C ALA A 89 9.67 -4.62 0.25
N VAL A 90 9.12 -4.38 1.43
CA VAL A 90 8.78 -5.43 2.42
C VAL A 90 7.67 -6.35 1.94
N LEU A 91 6.57 -5.82 1.40
CA LEU A 91 5.46 -6.54 0.77
C LEU A 91 5.95 -7.43 -0.37
N SER A 92 6.82 -6.94 -1.26
CA SER A 92 7.43 -7.75 -2.32
C SER A 92 8.21 -8.94 -1.77
N GLN A 93 9.10 -8.74 -0.77
CA GLN A 93 9.76 -9.88 -0.12
C GLN A 93 8.79 -10.74 0.69
N SER A 94 7.73 -10.20 1.30
CA SER A 94 6.74 -10.97 2.08
C SER A 94 5.91 -11.90 1.22
N SER A 95 5.42 -11.44 0.05
CA SER A 95 4.75 -12.30 -0.92
C SER A 95 5.69 -13.39 -1.45
N SER A 96 6.90 -13.05 -1.88
CA SER A 96 7.90 -14.04 -2.33
C SER A 96 8.36 -15.02 -1.23
N ASN A 97 8.45 -14.55 0.02
CA ASN A 97 8.73 -15.37 1.21
C ASN A 97 7.52 -16.21 1.65
N ALA A 98 6.29 -15.87 1.26
CA ALA A 98 5.11 -16.71 1.45
C ALA A 98 4.95 -17.78 0.35
N ILE A 99 5.39 -17.48 -0.88
CA ILE A 99 5.44 -18.43 -2.01
C ILE A 99 6.29 -19.67 -1.69
N SER A 100 7.47 -19.49 -1.07
CA SER A 100 8.42 -20.57 -0.70
C SER A 100 9.16 -20.30 0.63
N GLY A 101 8.42 -20.03 1.71
CA GLY A 101 8.98 -19.73 3.03
C GLY A 101 9.51 -20.94 3.82
N ALA A 102 8.99 -22.14 3.53
CA ALA A 102 9.36 -23.37 4.22
C ALA A 102 10.84 -23.76 4.03
N THR A 103 11.39 -23.55 2.82
CA THR A 103 12.84 -23.73 2.53
C THR A 103 13.69 -22.58 3.10
N GLY A 104 13.15 -21.35 3.12
CA GLY A 104 13.76 -20.14 3.70
C GLY A 104 15.13 -19.79 3.11
N GLY A 105 16.21 -20.17 3.80
CA GLY A 105 17.60 -19.97 3.35
C GLY A 105 18.17 -18.57 3.63
N SER A 106 17.73 -17.91 4.72
CA SER A 106 18.18 -16.59 5.17
C SER A 106 18.00 -15.48 4.11
N ALA A 107 16.74 -15.23 3.74
CA ALA A 107 16.32 -14.40 2.59
C ALA A 107 17.01 -13.03 2.46
N PHE A 108 17.04 -12.24 3.54
CA PHE A 108 17.73 -10.94 3.65
C PHE A 108 18.67 -10.85 4.87
N ALA A 109 18.71 -11.89 5.71
CA ALA A 109 19.46 -11.96 6.98
C ALA A 109 19.33 -10.70 7.88
N GLN A 110 18.16 -10.07 7.86
CA GLN A 110 17.84 -8.84 8.60
C GLN A 110 16.32 -8.74 8.86
N SER A 111 15.54 -8.69 7.77
CA SER A 111 14.09 -8.43 7.75
C SER A 111 13.25 -9.70 7.90
N GLN A 112 13.73 -10.67 8.68
CA GLN A 112 13.17 -12.01 8.83
C GLN A 112 13.42 -12.55 10.26
N ALA A 113 13.05 -11.74 11.26
CA ALA A 113 13.32 -11.93 12.69
C ALA A 113 14.82 -12.14 13.03
N PHE A 114 15.70 -11.31 12.45
CA PHE A 114 17.16 -11.47 12.51
C PHE A 114 17.88 -10.12 12.73
N GLN A 115 17.57 -9.46 13.86
CA GLN A 115 18.09 -8.13 14.22
C GLN A 115 18.28 -7.97 15.74
N GLN A 116 18.89 -6.86 16.16
CA GLN A 116 19.08 -6.48 17.57
C GLN A 116 18.85 -4.96 17.77
N SER A 117 18.05 -4.60 18.76
CA SER A 117 17.68 -3.22 19.11
C SER A 117 17.21 -3.11 20.58
N ALA A 118 16.90 -1.90 21.04
CA ALA A 118 16.62 -1.53 22.43
C ALA A 118 17.63 -2.14 23.45
N GLY A 1 1.90 -12.20 -6.70
CA GLY A 1 2.83 -11.48 -5.81
C GLY A 1 2.51 -10.00 -5.79
N SER A 2 3.34 -9.18 -6.46
CA SER A 2 3.03 -7.77 -6.75
C SER A 2 1.71 -7.59 -7.50
N GLU A 3 1.11 -6.39 -7.44
CA GLU A 3 -0.22 -6.04 -7.96
C GLU A 3 -1.38 -7.02 -7.63
N GLN A 4 -1.22 -7.85 -6.59
CA GLN A 4 -2.19 -8.88 -6.18
C GLN A 4 -2.22 -9.11 -4.66
N GLN A 5 -1.07 -9.21 -3.99
CA GLN A 5 -0.98 -9.22 -2.52
C GLN A 5 -0.73 -7.81 -1.97
N ASP A 6 0.10 -7.04 -2.68
CA ASP A 6 0.42 -5.62 -2.50
C ASP A 6 -0.78 -4.67 -2.76
N LEU A 7 -2.01 -5.14 -2.52
CA LEU A 7 -3.26 -4.36 -2.63
C LEU A 7 -4.24 -4.62 -1.48
N ASP A 8 -4.34 -5.88 -1.01
CA ASP A 8 -5.30 -6.24 0.05
C ASP A 8 -4.65 -6.05 1.43
N ASP A 9 -3.41 -6.54 1.57
CA ASP A 9 -2.50 -6.14 2.63
C ASP A 9 -2.22 -4.63 2.56
N LEU A 10 -1.99 -4.10 1.36
CA LEU A 10 -1.62 -2.70 1.19
C LEU A 10 -2.77 -1.72 1.49
N ALA A 11 -4.03 -2.09 1.27
CA ALA A 11 -5.17 -1.35 1.80
C ALA A 11 -5.09 -1.27 3.32
N GLN A 12 -4.98 -2.41 4.03
CA GLN A 12 -4.90 -2.43 5.49
C GLN A 12 -3.68 -1.68 6.05
N VAL A 13 -2.54 -1.71 5.34
CA VAL A 13 -1.28 -1.10 5.81
C VAL A 13 -1.22 0.42 5.56
N ILE A 14 -1.79 0.91 4.45
CA ILE A 14 -2.02 2.35 4.22
C ILE A 14 -3.09 2.86 5.18
N LEU A 15 -4.14 2.09 5.46
CA LEU A 15 -5.14 2.41 6.48
C LEU A 15 -4.52 2.48 7.87
N SER A 16 -3.61 1.56 8.22
CA SER A 16 -2.80 1.65 9.44
C SER A 16 -1.94 2.91 9.51
N ALA A 17 -1.62 3.54 8.37
CA ALA A 17 -0.92 4.83 8.30
C ALA A 17 -1.90 6.03 8.34
N VAL A 18 -2.87 6.13 7.42
CA VAL A 18 -3.81 7.27 7.37
C VAL A 18 -4.71 7.37 8.60
N THR A 19 -5.10 6.23 9.17
CA THR A 19 -5.92 6.13 10.39
C THR A 19 -5.05 5.96 11.65
N SER A 20 -3.71 6.00 11.52
CA SER A 20 -2.76 6.09 12.66
C SER A 20 -3.06 7.31 13.56
N ASN A 21 -3.58 8.36 12.95
CA ASN A 21 -4.03 9.59 13.60
C ASN A 21 -5.45 9.36 14.18
N THR A 22 -6.52 9.71 13.47
CA THR A 22 -7.93 9.50 13.90
C THR A 22 -8.94 9.67 12.73
N ASP A 23 -8.57 9.19 11.54
CA ASP A 23 -9.09 9.70 10.27
C ASP A 23 -10.08 8.72 9.61
N THR A 24 -11.15 8.34 10.30
CA THR A 24 -12.15 7.34 9.84
C THR A 24 -12.76 7.63 8.45
N SER A 25 -12.95 8.91 8.08
CA SER A 25 -13.42 9.30 6.74
C SER A 25 -12.43 8.92 5.62
N LYS A 26 -11.12 8.89 5.93
CA LYS A 26 -10.05 8.46 5.02
C LYS A 26 -10.20 6.99 4.58
N SER A 27 -10.83 6.15 5.42
CA SER A 27 -11.19 4.77 5.08
C SER A 27 -12.22 4.66 3.94
N ALA A 28 -13.02 5.70 3.65
CA ALA A 28 -13.91 5.72 2.50
C ALA A 28 -13.14 5.66 1.16
N ARG A 29 -11.91 6.21 1.12
CA ARG A 29 -11.02 6.13 -0.05
C ARG A 29 -10.36 4.75 -0.22
N ALA A 30 -10.40 3.86 0.77
CA ALA A 30 -9.98 2.46 0.59
C ALA A 30 -10.78 1.77 -0.54
N GLN A 31 -12.06 2.11 -0.68
CA GLN A 31 -12.93 1.67 -1.77
C GLN A 31 -12.60 2.35 -3.13
N ALA A 32 -11.95 3.53 -3.12
CA ALA A 32 -11.39 4.16 -4.31
C ALA A 32 -10.02 3.54 -4.71
N LEU A 33 -9.19 3.12 -3.75
CA LEU A 33 -8.03 2.25 -4.01
C LEU A 33 -8.47 0.93 -4.68
N SER A 34 -9.66 0.39 -4.33
CA SER A 34 -10.27 -0.74 -5.05
C SER A 34 -10.61 -0.44 -6.53
N THR A 35 -10.82 0.82 -6.92
CA THR A 35 -11.01 1.20 -8.33
C THR A 35 -9.69 1.16 -9.11
N ALA A 36 -8.56 1.50 -8.48
CA ALA A 36 -7.23 1.45 -9.12
C ALA A 36 -6.85 0.02 -9.51
N LEU A 37 -6.89 -0.91 -8.55
CA LEU A 37 -6.60 -2.33 -8.80
C LEU A 37 -7.63 -3.02 -9.71
N ALA A 38 -8.90 -2.58 -9.70
CA ALA A 38 -9.92 -3.09 -10.63
C ALA A 38 -9.69 -2.60 -12.07
N SER A 39 -9.32 -1.33 -12.27
CA SER A 39 -8.86 -0.82 -13.57
C SER A 39 -7.64 -1.60 -14.06
N SER A 40 -6.71 -1.92 -13.15
CA SER A 40 -5.54 -2.75 -13.43
C SER A 40 -5.85 -4.20 -13.83
N LEU A 41 -7.03 -4.75 -13.50
CA LEU A 41 -7.48 -6.04 -14.04
C LEU A 41 -7.62 -6.00 -15.57
N ALA A 42 -8.02 -4.85 -16.13
CA ALA A 42 -8.02 -4.59 -17.57
C ALA A 42 -6.65 -4.14 -18.10
N ASP A 43 -5.84 -3.39 -17.32
CA ASP A 43 -4.48 -3.02 -17.74
C ASP A 43 -3.49 -4.21 -17.75
N LEU A 44 -3.82 -5.33 -17.08
CA LEU A 44 -3.10 -6.60 -17.14
C LEU A 44 -3.19 -7.27 -18.53
N LEU A 45 -4.33 -7.09 -19.24
CA LEU A 45 -4.54 -7.62 -20.60
C LEU A 45 -3.65 -6.94 -21.65
N ILE A 46 -3.37 -5.63 -21.51
CA ILE A 46 -2.43 -4.89 -22.38
C ILE A 46 -0.97 -5.03 -21.89
N SER A 47 -0.01 -4.63 -22.72
CA SER A 47 1.43 -4.68 -22.40
C SER A 47 2.09 -3.30 -22.29
N GLU A 48 1.41 -2.23 -22.71
CA GLU A 48 1.88 -0.83 -22.70
C GLU A 48 1.67 -0.11 -21.34
N SER A 49 1.51 -0.89 -20.27
CA SER A 49 1.33 -0.46 -18.86
C SER A 49 2.21 -1.27 -17.89
N SER A 50 3.29 -1.89 -18.39
CA SER A 50 4.17 -2.84 -17.66
C SER A 50 3.45 -4.09 -17.09
N GLY A 51 2.16 -4.26 -17.41
CA GLY A 51 1.25 -5.20 -16.75
C GLY A 51 0.93 -4.84 -15.28
N SER A 52 1.30 -3.65 -14.79
CA SER A 52 1.26 -3.31 -13.35
C SER A 52 1.29 -1.79 -13.07
N SER A 53 0.73 -0.97 -13.97
CA SER A 53 0.59 0.50 -13.79
C SER A 53 -0.19 0.95 -12.55
N TYR A 54 -0.83 0.03 -11.81
CA TYR A 54 -1.51 0.28 -10.54
C TYR A 54 -0.70 1.11 -9.54
N GLN A 55 0.64 0.96 -9.50
CA GLN A 55 1.48 1.61 -8.49
C GLN A 55 1.49 3.14 -8.61
N THR A 56 1.46 3.67 -9.84
CA THR A 56 1.31 5.13 -10.07
C THR A 56 -0.02 5.63 -9.51
N GLN A 57 -1.11 4.87 -9.72
CA GLN A 57 -2.41 5.18 -9.12
C GLN A 57 -2.37 5.09 -7.59
N ILE A 58 -1.99 3.96 -6.98
CA ILE A 58 -2.03 3.83 -5.50
C ILE A 58 -1.10 4.82 -4.78
N SER A 59 0.02 5.22 -5.41
CA SER A 59 0.92 6.25 -4.90
C SER A 59 0.30 7.66 -4.99
N ALA A 60 -0.34 7.99 -6.11
CA ALA A 60 -1.11 9.22 -6.24
C ALA A 60 -2.30 9.23 -5.26
N LEU A 61 -3.12 8.17 -5.22
CA LEU A 61 -4.24 8.00 -4.31
C LEU A 61 -3.81 8.10 -2.85
N THR A 62 -2.75 7.42 -2.40
CA THR A 62 -2.27 7.49 -1.00
C THR A 62 -1.82 8.92 -0.60
N ASN A 63 -1.28 9.70 -1.54
CA ASN A 63 -1.01 11.13 -1.36
C ASN A 63 -2.30 12.00 -1.42
N ILE A 64 -3.27 11.65 -2.26
CA ILE A 64 -4.63 12.24 -2.28
C ILE A 64 -5.35 12.05 -0.94
N LEU A 65 -5.11 10.96 -0.19
CA LEU A 65 -5.67 10.78 1.15
C LEU A 65 -5.31 11.95 2.07
N SER A 66 -4.06 12.41 2.00
CA SER A 66 -3.56 13.61 2.68
C SER A 66 -4.35 14.87 2.28
N ASP A 67 -4.57 15.04 0.97
CA ASP A 67 -5.27 16.19 0.39
C ASP A 67 -6.81 16.11 0.49
N CYS A 68 -7.36 14.95 0.86
CA CYS A 68 -8.77 14.76 1.24
C CYS A 68 -9.06 15.19 2.68
N PHE A 69 -8.05 15.21 3.56
CA PHE A 69 -8.21 15.64 4.97
C PHE A 69 -7.81 17.11 5.18
N VAL A 70 -6.79 17.61 4.47
CA VAL A 70 -6.31 19.01 4.48
C VAL A 70 -5.95 19.49 5.91
N THR A 71 -4.98 18.82 6.51
CA THR A 71 -4.50 19.03 7.90
C THR A 71 -2.96 18.92 7.98
N THR A 72 -2.40 18.85 9.19
CA THR A 72 -0.99 18.51 9.48
C THR A 72 -0.49 17.30 8.68
N THR A 73 -1.34 16.30 8.48
CA THR A 73 -1.08 15.07 7.71
C THR A 73 -1.33 15.25 6.20
N GLY A 74 -0.76 16.30 5.61
CA GLY A 74 -0.88 16.59 4.18
C GLY A 74 -0.03 17.76 3.70
N SER A 75 1.26 17.51 3.41
CA SER A 75 2.26 18.52 3.03
C SER A 75 3.28 18.00 2.00
N ASN A 76 2.76 17.36 0.94
CA ASN A 76 3.48 16.70 -0.17
C ASN A 76 4.38 15.53 0.27
N ASN A 77 3.97 14.30 -0.04
CA ASN A 77 4.53 13.05 0.50
C ASN A 77 4.50 13.03 2.05
N PRO A 78 3.31 12.87 2.68
CA PRO A 78 3.17 12.79 4.14
C PRO A 78 3.86 11.53 4.70
N ALA A 79 3.77 11.36 6.03
CA ALA A 79 4.15 10.13 6.71
C ALA A 79 3.61 8.86 6.04
N PHE A 80 2.42 8.90 5.43
CA PHE A 80 1.81 7.76 4.75
C PHE A 80 2.55 7.34 3.47
N VAL A 81 3.03 8.31 2.67
CA VAL A 81 3.84 8.05 1.46
C VAL A 81 5.27 7.65 1.83
N SER A 82 5.86 8.31 2.82
CA SER A 82 7.20 7.98 3.31
C SER A 82 7.23 6.58 3.95
N ARG A 83 6.22 6.26 4.76
CA ARG A 83 5.96 4.90 5.25
C ARG A 83 5.63 3.95 4.10
N VAL A 84 4.94 4.35 3.03
CA VAL A 84 4.74 3.50 1.85
C VAL A 84 6.06 2.99 1.29
N GLN A 85 7.12 3.80 1.19
CA GLN A 85 8.43 3.32 0.74
C GLN A 85 9.07 2.33 1.75
N THR A 86 9.03 2.64 3.05
CA THR A 86 9.53 1.75 4.12
C THR A 86 8.78 0.42 4.17
N LEU A 87 7.45 0.45 4.19
CA LEU A 87 6.60 -0.73 4.24
C LEU A 87 6.64 -1.52 2.93
N ILE A 88 6.80 -0.89 1.76
CA ILE A 88 6.99 -1.60 0.48
C ILE A 88 8.27 -2.44 0.52
N ALA A 89 9.35 -1.97 1.16
CA ALA A 89 10.55 -2.79 1.36
C ALA A 89 10.24 -4.06 2.19
N VAL A 90 9.56 -3.91 3.34
CA VAL A 90 9.18 -5.06 4.20
C VAL A 90 8.13 -5.96 3.53
N LEU A 91 7.13 -5.40 2.85
CA LEU A 91 6.11 -6.11 2.08
C LEU A 91 6.70 -6.87 0.88
N SER A 92 7.67 -6.32 0.16
CA SER A 92 8.43 -7.06 -0.86
C SER A 92 9.23 -8.22 -0.26
N GLN A 93 9.83 -8.04 0.92
CA GLN A 93 10.49 -9.13 1.66
C GLN A 93 9.47 -10.20 2.07
N SER A 94 8.34 -9.81 2.68
CA SER A 94 7.25 -10.71 3.09
C SER A 94 6.62 -11.46 1.93
N SER A 95 6.36 -10.81 0.79
CA SER A 95 5.76 -11.45 -0.38
C SER A 95 6.75 -12.42 -1.03
N SER A 96 8.00 -12.02 -1.30
CA SER A 96 9.06 -12.91 -1.80
C SER A 96 9.34 -14.10 -0.88
N ASN A 97 9.22 -13.92 0.45
CA ASN A 97 9.25 -15.00 1.42
C ASN A 97 8.02 -15.92 1.28
N ALA A 98 6.81 -15.36 1.25
CA ALA A 98 5.54 -16.08 1.09
C ALA A 98 5.39 -16.86 -0.25
N ILE A 99 6.07 -16.45 -1.34
CA ILE A 99 6.11 -17.18 -2.63
C ILE A 99 6.51 -18.66 -2.45
N SER A 100 7.36 -18.98 -1.47
CA SER A 100 7.86 -20.35 -1.23
C SER A 100 8.26 -20.62 0.24
N GLY A 101 7.58 -19.96 1.19
CA GLY A 101 7.97 -19.90 2.60
C GLY A 101 7.01 -19.09 3.48
N ALA A 102 5.75 -19.51 3.57
CA ALA A 102 4.69 -18.83 4.34
C ALA A 102 5.02 -18.56 5.83
N THR A 103 5.91 -19.36 6.44
CA THR A 103 6.45 -19.17 7.80
C THR A 103 7.34 -17.92 7.88
N GLY A 104 6.76 -16.78 8.30
CA GLY A 104 7.44 -15.48 8.41
C GLY A 104 7.72 -15.00 9.84
N GLY A 105 6.94 -15.48 10.84
CA GLY A 105 7.16 -15.20 12.27
C GLY A 105 7.01 -13.73 12.70
N SER A 106 6.10 -12.98 12.04
CA SER A 106 5.84 -11.54 12.18
C SER A 106 6.90 -10.67 11.48
N ALA A 107 6.52 -10.01 10.39
CA ALA A 107 7.44 -9.34 9.46
C ALA A 107 8.13 -8.08 10.03
N PHE A 108 7.34 -7.10 10.51
CA PHE A 108 7.85 -5.98 11.30
C PHE A 108 8.19 -6.37 12.74
N ALA A 109 7.71 -7.53 13.22
CA ALA A 109 7.84 -8.02 14.60
C ALA A 109 7.51 -6.96 15.67
N GLN A 110 6.47 -6.13 15.39
CA GLN A 110 6.15 -4.88 16.08
C GLN A 110 7.41 -4.03 16.38
N SER A 111 7.96 -3.42 15.33
CA SER A 111 9.22 -2.65 15.34
C SER A 111 10.40 -3.43 15.95
N GLN A 112 10.52 -4.72 15.62
CA GLN A 112 11.47 -5.69 16.20
C GLN A 112 11.53 -5.61 17.74
N ALA A 113 10.37 -5.85 18.36
CA ALA A 113 10.06 -5.64 19.77
C ALA A 113 10.15 -4.15 20.19
N PHE A 114 9.04 -3.43 20.00
CA PHE A 114 8.80 -2.02 20.38
C PHE A 114 8.96 -1.75 21.89
N GLN A 115 10.22 -1.63 22.33
CA GLN A 115 10.65 -1.25 23.68
C GLN A 115 12.12 -0.79 23.65
N GLN A 116 12.61 -0.25 24.77
CA GLN A 116 14.03 -0.03 25.03
C GLN A 116 14.32 -0.21 26.53
N SER A 117 15.60 -0.38 26.88
CA SER A 117 16.07 -0.72 28.24
C SER A 117 15.61 -2.10 28.74
N ALA A 118 16.08 -2.51 29.93
CA ALA A 118 15.84 -3.82 30.56
C ALA A 118 15.77 -3.71 32.10
N GLY A 1 -1.40 -15.64 -9.92
CA GLY A 1 -1.88 -14.24 -9.82
C GLY A 1 -1.06 -13.45 -8.81
N SER A 2 -0.68 -12.23 -9.18
CA SER A 2 0.12 -11.26 -8.39
C SER A 2 -0.27 -9.82 -8.75
N GLU A 3 -0.03 -8.86 -7.85
CA GLU A 3 -0.53 -7.47 -7.93
C GLU A 3 -2.07 -7.36 -8.05
N GLN A 4 -2.80 -8.31 -7.44
CA GLN A 4 -4.28 -8.36 -7.43
C GLN A 4 -4.87 -8.81 -6.08
N GLN A 5 -4.32 -9.85 -5.45
CA GLN A 5 -4.63 -10.18 -4.05
C GLN A 5 -3.88 -9.25 -3.09
N ASP A 6 -2.69 -8.79 -3.51
CA ASP A 6 -1.86 -7.84 -2.77
C ASP A 6 -2.61 -6.56 -2.41
N LEU A 7 -3.45 -6.02 -3.32
CA LEU A 7 -4.17 -4.76 -3.09
C LEU A 7 -5.12 -4.80 -1.88
N ASP A 8 -5.66 -5.98 -1.56
CA ASP A 8 -6.55 -6.18 -0.40
C ASP A 8 -5.78 -6.08 0.93
N ASP A 9 -4.55 -6.59 0.96
CA ASP A 9 -3.61 -6.42 2.09
C ASP A 9 -2.96 -5.03 2.08
N LEU A 10 -2.67 -4.47 0.90
CA LEU A 10 -2.12 -3.14 0.70
C LEU A 10 -3.08 -2.06 1.21
N ALA A 11 -4.39 -2.27 1.01
CA ALA A 11 -5.41 -1.47 1.64
C ALA A 11 -5.24 -1.49 3.16
N GLN A 12 -5.07 -2.64 3.83
CA GLN A 12 -4.93 -2.68 5.30
C GLN A 12 -3.74 -1.85 5.82
N VAL A 13 -2.60 -1.86 5.14
CA VAL A 13 -1.41 -1.06 5.53
C VAL A 13 -1.49 0.41 5.13
N ILE A 14 -2.13 0.76 4.00
CA ILE A 14 -2.49 2.16 3.68
C ILE A 14 -3.52 2.70 4.69
N LEU A 15 -4.53 1.90 5.05
CA LEU A 15 -5.49 2.18 6.12
C LEU A 15 -4.78 2.41 7.46
N SER A 16 -3.82 1.56 7.84
CA SER A 16 -2.97 1.78 9.01
C SER A 16 -2.19 3.10 8.93
N ALA A 17 -1.60 3.44 7.77
CA ALA A 17 -0.89 4.69 7.58
C ALA A 17 -1.83 5.91 7.77
N VAL A 18 -2.97 5.95 7.10
CA VAL A 18 -3.90 7.09 7.18
C VAL A 18 -4.62 7.18 8.53
N THR A 19 -5.04 6.05 9.12
CA THR A 19 -5.71 6.01 10.42
C THR A 19 -4.73 6.19 11.60
N SER A 20 -3.41 6.13 11.37
CA SER A 20 -2.39 6.55 12.34
C SER A 20 -2.49 8.04 12.73
N ASN A 21 -3.20 8.86 11.93
CA ASN A 21 -3.58 10.25 12.27
C ASN A 21 -5.00 10.34 12.89
N THR A 22 -5.56 9.20 13.32
CA THR A 22 -6.85 8.98 14.04
C THR A 22 -8.12 9.11 13.18
N ASP A 23 -8.00 8.90 11.86
CA ASP A 23 -9.01 9.25 10.85
C ASP A 23 -9.92 8.07 10.42
N THR A 24 -10.74 7.52 11.32
CA THR A 24 -11.64 6.39 11.02
C THR A 24 -12.61 6.63 9.85
N SER A 25 -13.15 7.86 9.72
CA SER A 25 -14.03 8.25 8.60
C SER A 25 -13.34 8.12 7.23
N LYS A 26 -12.02 8.32 7.20
CA LYS A 26 -11.22 8.29 5.96
C LYS A 26 -11.12 6.91 5.31
N SER A 27 -11.34 5.83 6.06
CA SER A 27 -11.50 4.48 5.50
C SER A 27 -12.67 4.37 4.51
N ALA A 28 -13.71 5.21 4.63
CA ALA A 28 -14.77 5.30 3.64
C ALA A 28 -14.26 5.84 2.29
N ARG A 29 -13.40 6.88 2.31
CA ARG A 29 -12.66 7.35 1.13
C ARG A 29 -11.71 6.28 0.58
N ALA A 30 -11.06 5.49 1.41
CA ALA A 30 -10.15 4.45 0.93
C ALA A 30 -10.84 3.34 0.11
N GLN A 31 -12.17 3.19 0.20
CA GLN A 31 -12.96 2.38 -0.74
C GLN A 31 -13.04 2.99 -2.15
N ALA A 32 -12.89 4.32 -2.30
CA ALA A 32 -12.74 5.00 -3.58
C ALA A 32 -11.30 4.85 -4.15
N LEU A 33 -10.26 4.70 -3.32
CA LEU A 33 -8.92 4.26 -3.77
C LEU A 33 -9.00 2.92 -4.53
N SER A 34 -9.90 2.02 -4.13
CA SER A 34 -10.15 0.76 -4.85
C SER A 34 -10.66 0.96 -6.29
N THR A 35 -11.25 2.11 -6.63
CA THR A 35 -11.69 2.41 -8.01
C THR A 35 -10.50 2.65 -8.97
N ALA A 36 -9.38 3.17 -8.46
CA ALA A 36 -8.15 3.34 -9.23
C ALA A 36 -7.32 2.06 -9.27
N LEU A 37 -7.33 1.28 -8.18
CA LEU A 37 -6.82 -0.10 -8.15
C LEU A 37 -7.61 -1.06 -9.04
N ALA A 38 -8.88 -0.77 -9.37
CA ALA A 38 -9.61 -1.51 -10.40
C ALA A 38 -8.99 -1.31 -11.80
N SER A 39 -8.41 -0.14 -12.10
CA SER A 39 -7.61 0.06 -13.32
C SER A 39 -6.38 -0.84 -13.34
N SER A 40 -5.75 -1.14 -12.19
CA SER A 40 -4.66 -2.12 -12.08
C SER A 40 -5.09 -3.53 -12.49
N LEU A 41 -6.34 -3.94 -12.22
CA LEU A 41 -6.88 -5.24 -12.68
C LEU A 41 -6.92 -5.33 -14.21
N ALA A 42 -7.28 -4.24 -14.90
CA ALA A 42 -7.29 -4.16 -16.36
C ALA A 42 -5.87 -3.98 -16.95
N ASP A 43 -5.01 -3.20 -16.31
CA ASP A 43 -3.61 -3.02 -16.70
C ASP A 43 -2.78 -4.31 -16.56
N LEU A 44 -3.04 -5.13 -15.54
CA LEU A 44 -2.41 -6.43 -15.29
C LEU A 44 -2.47 -7.40 -16.49
N LEU A 45 -3.48 -7.28 -17.35
CA LEU A 45 -3.58 -8.01 -18.64
C LEU A 45 -2.43 -7.67 -19.62
N ILE A 46 -1.74 -6.54 -19.43
CA ILE A 46 -0.67 -6.00 -20.27
C ILE A 46 0.61 -5.87 -19.44
N SER A 47 1.49 -6.88 -19.54
CA SER A 47 2.81 -6.91 -18.86
C SER A 47 3.75 -5.75 -19.26
N GLU A 48 3.50 -5.13 -20.41
CA GLU A 48 4.20 -3.94 -20.93
C GLU A 48 3.91 -2.62 -20.17
N SER A 49 3.36 -2.70 -18.95
CA SER A 49 3.09 -1.58 -18.02
C SER A 49 4.34 -0.95 -17.36
N SER A 50 5.54 -1.22 -17.88
CA SER A 50 6.84 -0.86 -17.28
C SER A 50 7.10 -1.54 -15.91
N GLY A 51 6.50 -2.71 -15.69
CA GLY A 51 6.70 -3.54 -14.48
C GLY A 51 6.04 -3.00 -13.20
N SER A 52 5.05 -2.12 -13.35
CA SER A 52 4.37 -1.40 -12.26
C SER A 52 2.88 -1.24 -12.60
N SER A 53 1.99 -1.91 -11.85
CA SER A 53 0.54 -1.90 -12.10
C SER A 53 -0.06 -0.49 -12.29
N TYR A 54 0.15 0.38 -11.29
CA TYR A 54 -0.14 1.81 -11.33
C TYR A 54 0.48 2.50 -10.10
N GLN A 55 1.81 2.58 -10.01
CA GLN A 55 2.47 3.37 -8.96
C GLN A 55 2.01 4.84 -8.96
N THR A 56 1.72 5.41 -10.14
CA THR A 56 1.14 6.76 -10.26
C THR A 56 -0.20 6.87 -9.53
N GLN A 57 -1.13 5.92 -9.73
CA GLN A 57 -2.44 5.97 -9.07
C GLN A 57 -2.39 5.51 -7.61
N ILE A 58 -1.57 4.51 -7.25
CA ILE A 58 -1.33 4.14 -5.84
C ILE A 58 -0.79 5.34 -5.06
N SER A 59 0.24 6.02 -5.57
CA SER A 59 0.81 7.21 -4.92
C SER A 59 -0.19 8.36 -4.89
N ALA A 60 -0.82 8.69 -6.03
CA ALA A 60 -1.80 9.77 -6.12
C ALA A 60 -3.01 9.55 -5.19
N LEU A 61 -3.66 8.39 -5.23
CA LEU A 61 -4.79 8.09 -4.36
C LEU A 61 -4.36 8.10 -2.89
N THR A 62 -3.21 7.51 -2.53
CA THR A 62 -2.61 7.60 -1.17
C THR A 62 -2.46 9.06 -0.72
N ASN A 63 -1.99 9.96 -1.61
CA ASN A 63 -1.90 11.40 -1.35
C ASN A 63 -3.25 12.13 -1.26
N ILE A 64 -4.26 11.66 -2.03
CA ILE A 64 -5.64 12.13 -1.94
C ILE A 64 -6.27 11.76 -0.58
N LEU A 65 -5.88 10.63 0.04
CA LEU A 65 -6.25 10.31 1.42
C LEU A 65 -5.68 11.36 2.39
N SER A 66 -4.43 11.78 2.21
CA SER A 66 -3.82 12.87 2.97
C SER A 66 -4.66 14.16 2.87
N ASP A 67 -4.98 14.58 1.65
CA ASP A 67 -5.83 15.74 1.36
C ASP A 67 -7.27 15.65 1.91
N CYS A 68 -7.73 14.47 2.34
CA CYS A 68 -9.03 14.28 3.01
C CYS A 68 -9.00 14.74 4.48
N PHE A 69 -7.90 14.46 5.21
CA PHE A 69 -7.71 14.95 6.57
C PHE A 69 -7.40 16.46 6.60
N VAL A 70 -6.67 16.94 5.57
CA VAL A 70 -6.14 18.33 5.46
C VAL A 70 -5.07 18.61 6.55
N THR A 71 -4.31 19.70 6.40
CA THR A 71 -3.17 20.06 7.29
C THR A 71 -2.04 19.01 7.20
N THR A 72 -0.97 19.16 7.99
CA THR A 72 0.14 18.19 8.24
C THR A 72 0.41 17.19 7.10
N THR A 73 -0.23 16.01 7.13
CA THR A 73 -0.27 15.04 6.05
C THR A 73 -1.23 15.47 4.94
N GLY A 74 -0.68 16.12 3.90
CA GLY A 74 -1.39 16.65 2.74
C GLY A 74 -0.59 16.47 1.46
N SER A 75 -0.70 17.38 0.48
CA SER A 75 0.04 17.38 -0.79
C SER A 75 1.56 17.72 -0.65
N ASN A 76 2.23 17.13 0.34
CA ASN A 76 3.60 17.45 0.78
C ASN A 76 4.43 16.17 1.11
N ASN A 77 4.21 15.07 0.37
CA ASN A 77 4.85 13.76 0.57
C ASN A 77 4.82 13.29 2.05
N PRO A 78 3.64 12.97 2.60
CA PRO A 78 3.48 12.57 3.99
C PRO A 78 4.10 11.21 4.29
N ALA A 79 4.06 10.84 5.58
CA ALA A 79 4.40 9.50 6.04
C ALA A 79 3.64 8.39 5.30
N PHE A 80 2.49 8.63 4.65
CA PHE A 80 1.74 7.59 3.91
C PHE A 80 2.39 7.28 2.55
N VAL A 81 2.67 8.33 1.76
CA VAL A 81 3.43 8.21 0.49
C VAL A 81 4.86 7.74 0.75
N SER A 82 5.49 8.17 1.84
CA SER A 82 6.80 7.64 2.25
C SER A 82 6.72 6.18 2.74
N ARG A 83 5.67 5.81 3.49
CA ARG A 83 5.40 4.43 3.94
C ARG A 83 5.26 3.51 2.74
N VAL A 84 4.49 3.83 1.71
CA VAL A 84 4.38 2.94 0.54
C VAL A 84 5.73 2.65 -0.14
N GLN A 85 6.74 3.54 -0.08
CA GLN A 85 8.08 3.21 -0.61
C GLN A 85 8.76 2.07 0.16
N THR A 86 8.71 2.08 1.50
CA THR A 86 9.29 0.99 2.33
C THR A 86 8.35 -0.22 2.45
N LEU A 87 7.04 0.00 2.56
CA LEU A 87 6.03 -1.06 2.61
C LEU A 87 5.99 -1.85 1.31
N ILE A 88 6.00 -1.23 0.12
CA ILE A 88 6.00 -1.97 -1.16
C ILE A 88 7.26 -2.84 -1.26
N ALA A 89 8.42 -2.37 -0.79
CA ALA A 89 9.63 -3.18 -0.70
C ALA A 89 9.45 -4.39 0.24
N VAL A 90 9.03 -4.18 1.49
CA VAL A 90 8.79 -5.26 2.47
C VAL A 90 7.65 -6.20 2.05
N LEU A 91 6.63 -5.72 1.33
CA LEU A 91 5.51 -6.48 0.76
C LEU A 91 5.96 -7.36 -0.41
N SER A 92 6.73 -6.82 -1.35
CA SER A 92 7.36 -7.61 -2.42
C SER A 92 8.30 -8.67 -1.84
N GLN A 93 9.07 -8.35 -0.81
CA GLN A 93 9.89 -9.34 -0.11
C GLN A 93 9.07 -10.35 0.70
N SER A 94 8.00 -9.96 1.40
CA SER A 94 7.15 -10.89 2.17
C SER A 94 6.41 -11.88 1.27
N SER A 95 6.02 -11.47 0.06
CA SER A 95 5.55 -12.39 -0.99
C SER A 95 6.63 -13.40 -1.37
N SER A 96 7.84 -12.98 -1.77
CA SER A 96 8.95 -13.90 -2.11
C SER A 96 9.39 -14.79 -0.95
N ASN A 97 9.31 -14.30 0.29
CA ASN A 97 9.57 -15.03 1.53
C ASN A 97 8.51 -16.13 1.77
N ALA A 98 7.22 -15.81 1.58
CA ALA A 98 6.11 -16.77 1.67
C ALA A 98 6.02 -17.76 0.48
N ILE A 99 6.54 -17.39 -0.70
CA ILE A 99 6.79 -18.28 -1.86
C ILE A 99 7.85 -19.36 -1.55
N SER A 100 8.61 -19.21 -0.45
CA SER A 100 9.63 -20.15 0.08
C SER A 100 10.99 -20.02 -0.63
N GLY A 101 11.37 -18.81 -1.05
CA GLY A 101 12.58 -18.56 -1.86
C GLY A 101 13.27 -17.21 -1.64
N ALA A 102 13.19 -16.64 -0.43
CA ALA A 102 13.89 -15.40 -0.04
C ALA A 102 14.22 -15.37 1.46
N THR A 103 15.45 -15.77 1.83
CA THR A 103 16.01 -15.61 3.18
C THR A 103 16.01 -14.14 3.58
N GLY A 104 15.26 -13.77 4.61
CA GLY A 104 15.16 -12.39 5.11
C GLY A 104 16.50 -11.85 5.63
N GLY A 105 16.69 -10.53 5.53
CA GLY A 105 17.91 -9.82 5.94
C GLY A 105 17.63 -8.70 6.96
N SER A 106 18.68 -8.24 7.65
CA SER A 106 18.61 -7.26 8.76
C SER A 106 17.72 -7.70 9.97
N ALA A 107 17.37 -9.00 10.05
CA ALA A 107 16.29 -9.56 10.86
C ALA A 107 14.91 -8.87 10.64
N PHE A 108 13.86 -9.36 11.32
CA PHE A 108 12.44 -8.96 11.19
C PHE A 108 11.78 -9.14 9.81
N ALA A 109 12.55 -9.29 8.73
CA ALA A 109 12.12 -9.49 7.33
C ALA A 109 11.48 -10.88 7.03
N GLN A 110 10.71 -11.42 7.98
CA GLN A 110 9.93 -12.65 7.86
C GLN A 110 8.60 -12.49 8.62
N SER A 111 8.66 -12.23 9.93
CA SER A 111 7.50 -12.07 10.82
C SER A 111 6.66 -10.79 10.58
N GLN A 112 7.10 -9.88 9.69
CA GLN A 112 6.33 -8.70 9.28
C GLN A 112 4.95 -9.04 8.69
N ALA A 113 4.88 -9.99 7.74
CA ALA A 113 3.63 -10.35 7.04
C ALA A 113 3.66 -11.74 6.35
N PHE A 114 4.46 -12.71 6.84
CA PHE A 114 4.50 -14.09 6.34
C PHE A 114 3.15 -14.83 6.46
N GLN A 115 2.33 -14.76 5.40
CA GLN A 115 1.12 -15.55 5.16
C GLN A 115 0.75 -15.46 3.67
N GLN A 116 0.42 -16.57 3.01
CA GLN A 116 -0.04 -16.59 1.61
C GLN A 116 -1.02 -17.77 1.37
N SER A 117 -2.32 -17.49 1.53
CA SER A 117 -3.43 -18.43 1.31
C SER A 117 -4.70 -17.69 0.90
N ALA A 118 -4.99 -17.68 -0.42
CA ALA A 118 -6.22 -17.11 -1.01
C ALA A 118 -6.61 -17.83 -2.31
N GLY A 1 -4.00 -12.99 -10.61
CA GLY A 1 -2.68 -13.29 -10.01
C GLY A 1 -2.36 -12.34 -8.87
N SER A 2 -1.83 -11.15 -9.19
CA SER A 2 -1.37 -10.13 -8.22
C SER A 2 -2.07 -8.78 -8.45
N GLU A 3 -1.77 -7.77 -7.62
CA GLU A 3 -2.51 -6.49 -7.56
C GLU A 3 -4.03 -6.67 -7.31
N GLN A 4 -4.41 -7.71 -6.54
CA GLN A 4 -5.80 -8.00 -6.16
C GLN A 4 -5.92 -8.59 -4.75
N GLN A 5 -5.21 -9.68 -4.43
CA GLN A 5 -5.16 -10.21 -3.06
C GLN A 5 -4.43 -9.23 -2.14
N ASP A 6 -3.42 -8.56 -2.68
CA ASP A 6 -2.68 -7.48 -2.02
C ASP A 6 -3.55 -6.25 -1.74
N LEU A 7 -4.66 -6.00 -2.47
CA LEU A 7 -5.50 -4.80 -2.21
C LEU A 7 -6.02 -4.78 -0.78
N ASP A 8 -6.35 -5.95 -0.24
CA ASP A 8 -6.94 -6.10 1.09
C ASP A 8 -5.89 -5.92 2.20
N ASP A 9 -4.70 -6.50 2.00
CA ASP A 9 -3.54 -6.29 2.88
C ASP A 9 -3.08 -4.84 2.82
N LEU A 10 -2.93 -4.26 1.62
CA LEU A 10 -2.48 -2.88 1.42
C LEU A 10 -3.47 -1.87 1.97
N ALA A 11 -4.79 -2.12 1.90
CA ALA A 11 -5.78 -1.32 2.60
C ALA A 11 -5.50 -1.31 4.11
N GLN A 12 -5.39 -2.48 4.76
CA GLN A 12 -5.07 -2.54 6.19
C GLN A 12 -3.71 -1.89 6.52
N VAL A 13 -2.69 -2.08 5.67
CA VAL A 13 -1.33 -1.54 5.86
C VAL A 13 -1.26 -0.02 5.68
N ILE A 14 -1.98 0.53 4.71
CA ILE A 14 -2.09 1.97 4.49
C ILE A 14 -2.94 2.59 5.58
N LEU A 15 -4.02 1.93 6.04
CA LEU A 15 -4.85 2.39 7.16
C LEU A 15 -4.04 2.52 8.46
N SER A 16 -3.01 1.69 8.69
CA SER A 16 -2.04 1.88 9.79
C SER A 16 -1.27 3.21 9.75
N ALA A 17 -1.28 3.92 8.61
CA ALA A 17 -0.63 5.21 8.39
C ALA A 17 -1.69 6.33 8.19
N VAL A 18 -2.56 6.18 7.18
CA VAL A 18 -3.77 6.99 6.89
C VAL A 18 -4.64 7.25 8.12
N THR A 19 -4.82 6.26 8.98
CA THR A 19 -5.60 6.35 10.24
C THR A 19 -4.70 6.42 11.49
N SER A 20 -3.37 6.49 11.34
CA SER A 20 -2.43 6.70 12.48
C SER A 20 -2.68 8.04 13.20
N ASN A 21 -3.21 9.02 12.48
CA ASN A 21 -3.66 10.32 12.99
C ASN A 21 -5.09 10.29 13.60
N THR A 22 -5.68 9.09 13.73
CA THR A 22 -6.99 8.74 14.36
C THR A 22 -8.25 9.05 13.53
N ASP A 23 -8.11 9.15 12.21
CA ASP A 23 -9.13 9.66 11.30
C ASP A 23 -10.10 8.59 10.76
N THR A 24 -11.19 8.31 11.48
CA THR A 24 -12.28 7.41 11.03
C THR A 24 -12.85 7.79 9.65
N SER A 25 -12.89 9.07 9.30
CA SER A 25 -13.34 9.52 7.97
C SER A 25 -12.37 9.18 6.82
N LYS A 26 -11.07 8.96 7.09
CA LYS A 26 -10.14 8.46 6.06
C LYS A 26 -10.37 6.99 5.69
N SER A 27 -11.02 6.20 6.56
CA SER A 27 -11.46 4.83 6.22
C SER A 27 -12.38 4.78 4.99
N ALA A 28 -13.13 5.87 4.70
CA ALA A 28 -13.91 6.00 3.47
C ALA A 28 -13.04 6.14 2.21
N ARG A 29 -11.91 6.86 2.30
CA ARG A 29 -10.96 7.05 1.19
C ARG A 29 -10.22 5.76 0.81
N ALA A 30 -10.16 4.76 1.69
CA ALA A 30 -9.67 3.42 1.34
C ALA A 30 -10.39 2.81 0.12
N GLN A 31 -11.68 3.09 -0.06
CA GLN A 31 -12.45 2.67 -1.25
C GLN A 31 -12.09 3.47 -2.51
N ALA A 32 -11.54 4.69 -2.39
CA ALA A 32 -10.97 5.41 -3.53
C ALA A 32 -9.65 4.76 -4.00
N LEU A 33 -8.87 4.14 -3.11
CA LEU A 33 -7.72 3.31 -3.49
C LEU A 33 -8.14 2.15 -4.40
N SER A 34 -9.30 1.54 -4.13
CA SER A 34 -9.92 0.52 -4.99
C SER A 34 -10.21 1.02 -6.41
N THR A 35 -10.36 2.33 -6.65
CA THR A 35 -10.49 2.89 -8.01
C THR A 35 -9.19 2.73 -8.81
N ALA A 36 -8.03 2.91 -8.17
CA ALA A 36 -6.74 2.60 -8.78
C ALA A 36 -6.58 1.10 -8.98
N LEU A 37 -6.81 0.27 -7.95
CA LEU A 37 -6.65 -1.19 -8.03
C LEU A 37 -7.58 -1.84 -9.07
N ALA A 38 -8.79 -1.32 -9.28
CA ALA A 38 -9.67 -1.73 -10.37
C ALA A 38 -9.05 -1.44 -11.76
N SER A 39 -8.45 -0.25 -11.93
CA SER A 39 -7.69 0.10 -13.13
C SER A 39 -6.42 -0.75 -13.28
N SER A 40 -5.69 -1.03 -12.19
CA SER A 40 -4.53 -1.92 -12.14
C SER A 40 -4.85 -3.36 -12.54
N LEU A 41 -6.03 -3.87 -12.17
CA LEU A 41 -6.57 -5.16 -12.63
C LEU A 41 -6.65 -5.22 -14.16
N ALA A 42 -7.13 -4.15 -14.81
CA ALA A 42 -7.20 -4.04 -16.26
C ALA A 42 -5.83 -3.71 -16.90
N ASP A 43 -4.96 -2.96 -16.22
CA ASP A 43 -3.61 -2.60 -16.69
C ASP A 43 -2.59 -3.74 -16.52
N LEU A 44 -2.86 -4.73 -15.65
CA LEU A 44 -2.11 -5.99 -15.54
C LEU A 44 -2.30 -6.85 -16.82
N LEU A 45 -3.49 -6.82 -17.44
CA LEU A 45 -3.86 -7.62 -18.60
C LEU A 45 -3.02 -7.35 -19.86
N ILE A 46 -2.43 -6.15 -19.98
CA ILE A 46 -1.59 -5.71 -21.10
C ILE A 46 -0.31 -5.10 -20.53
N SER A 47 0.86 -5.66 -20.86
CA SER A 47 2.13 -5.33 -20.17
C SER A 47 2.44 -3.83 -20.13
N GLU A 48 2.49 -3.16 -21.29
CA GLU A 48 2.82 -1.74 -21.58
C GLU A 48 4.12 -1.14 -20.97
N SER A 49 4.48 -1.51 -19.74
CA SER A 49 5.66 -1.13 -18.96
C SER A 49 5.96 -2.28 -17.96
N SER A 50 6.39 -3.43 -18.51
CA SER A 50 6.64 -4.71 -17.81
C SER A 50 5.48 -5.22 -16.92
N GLY A 51 4.24 -4.78 -17.16
CA GLY A 51 3.05 -5.14 -16.39
C GLY A 51 3.02 -4.58 -14.97
N SER A 52 3.81 -3.52 -14.68
CA SER A 52 4.07 -3.05 -13.32
C SER A 52 4.32 -1.53 -13.25
N SER A 53 3.29 -0.75 -13.63
CA SER A 53 3.31 0.73 -13.69
C SER A 53 2.27 1.40 -12.75
N TYR A 54 1.62 0.61 -11.90
CA TYR A 54 0.66 1.06 -10.89
C TYR A 54 1.31 1.64 -9.62
N GLN A 55 2.61 1.50 -9.40
CA GLN A 55 3.27 1.96 -8.17
C GLN A 55 3.17 3.49 -7.97
N THR A 56 3.20 4.25 -9.07
CA THR A 56 2.87 5.70 -9.07
C THR A 56 1.42 5.95 -8.70
N GLN A 57 0.47 5.09 -9.10
CA GLN A 57 -0.93 5.17 -8.67
C GLN A 57 -1.07 4.90 -7.17
N ILE A 58 -0.32 3.96 -6.57
CA ILE A 58 -0.35 3.75 -5.11
C ILE A 58 0.18 4.98 -4.36
N SER A 59 1.29 5.58 -4.83
CA SER A 59 1.83 6.82 -4.25
C SER A 59 0.85 8.00 -4.39
N ALA A 60 0.26 8.17 -5.57
CA ALA A 60 -0.77 9.17 -5.83
C ALA A 60 -2.00 8.94 -4.93
N LEU A 61 -2.58 7.74 -4.91
CA LEU A 61 -3.76 7.45 -4.09
C LEU A 61 -3.46 7.55 -2.60
N THR A 62 -2.38 6.97 -2.05
CA THR A 62 -2.09 7.13 -0.61
C THR A 62 -1.89 8.59 -0.20
N ASN A 63 -1.38 9.44 -1.10
CA ASN A 63 -1.38 10.90 -0.92
C ASN A 63 -2.81 11.49 -1.01
N ILE A 64 -3.60 11.19 -2.05
CA ILE A 64 -4.95 11.74 -2.24
C ILE A 64 -5.94 11.28 -1.15
N LEU A 65 -5.78 10.06 -0.63
CA LEU A 65 -6.51 9.52 0.52
C LEU A 65 -6.42 10.46 1.74
N SER A 66 -5.25 11.05 1.96
CA SER A 66 -5.01 12.07 2.99
C SER A 66 -5.41 13.47 2.54
N ASP A 67 -5.03 13.86 1.32
CA ASP A 67 -5.31 15.17 0.74
C ASP A 67 -6.83 15.43 0.50
N CYS A 68 -7.67 14.40 0.55
CA CYS A 68 -9.13 14.52 0.60
C CYS A 68 -9.63 15.16 1.91
N PHE A 69 -8.87 15.02 3.02
CA PHE A 69 -9.17 15.65 4.32
C PHE A 69 -8.72 17.12 4.37
N VAL A 70 -7.60 17.47 3.70
CA VAL A 70 -6.98 18.82 3.68
C VAL A 70 -6.63 19.34 5.10
N THR A 71 -6.18 18.45 6.00
CA THR A 71 -5.86 18.77 7.41
C THR A 71 -4.60 18.04 7.86
N THR A 72 -3.44 18.71 7.76
CA THR A 72 -2.07 18.29 8.19
C THR A 72 -1.52 17.09 7.43
N THR A 73 -2.26 15.99 7.43
CA THR A 73 -2.01 14.76 6.67
C THR A 73 -2.25 15.00 5.18
N GLY A 74 -1.15 15.22 4.45
CA GLY A 74 -1.12 15.40 3.00
C GLY A 74 0.09 16.22 2.60
N SER A 75 -0.03 17.56 2.68
CA SER A 75 1.03 18.56 2.41
C SER A 75 1.87 18.30 1.13
N ASN A 76 1.24 17.66 0.13
CA ASN A 76 1.86 16.87 -0.95
C ASN A 76 2.87 15.80 -0.45
N ASN A 77 2.55 14.51 -0.65
CA ASN A 77 3.36 13.35 -0.25
C ASN A 77 3.58 13.28 1.28
N PRO A 78 2.58 12.82 2.07
CA PRO A 78 2.67 12.73 3.54
C PRO A 78 3.66 11.67 4.01
N ALA A 79 3.84 11.54 5.33
CA ALA A 79 4.54 10.41 5.95
C ALA A 79 4.08 9.05 5.40
N PHE A 80 2.77 8.91 5.10
CA PHE A 80 2.18 7.68 4.59
C PHE A 80 2.64 7.33 3.16
N VAL A 81 3.03 8.31 2.34
CA VAL A 81 3.74 8.06 1.07
C VAL A 81 5.13 7.47 1.34
N SER A 82 5.88 8.05 2.29
CA SER A 82 7.22 7.57 2.64
C SER A 82 7.18 6.15 3.22
N ARG A 83 6.17 5.88 4.07
CA ARG A 83 5.80 4.54 4.55
C ARG A 83 5.47 3.63 3.36
N VAL A 84 4.52 3.99 2.50
CA VAL A 84 4.13 3.21 1.29
C VAL A 84 5.30 2.88 0.37
N GLN A 85 6.27 3.78 0.16
CA GLN A 85 7.41 3.50 -0.72
C GLN A 85 8.23 2.30 -0.23
N THR A 86 8.40 2.18 1.09
CA THR A 86 9.06 1.02 1.73
C THR A 86 8.09 -0.14 1.93
N LEU A 87 6.83 0.09 2.32
CA LEU A 87 5.82 -0.94 2.53
C LEU A 87 5.39 -1.65 1.24
N ILE A 88 5.42 -1.01 0.08
CA ILE A 88 5.25 -1.67 -1.23
C ILE A 88 6.44 -2.60 -1.53
N ALA A 89 7.67 -2.18 -1.24
CA ALA A 89 8.85 -3.04 -1.35
C ALA A 89 8.78 -4.22 -0.37
N VAL A 90 8.43 -3.99 0.90
CA VAL A 90 8.25 -5.05 1.90
C VAL A 90 7.06 -5.96 1.56
N LEU A 91 5.98 -5.45 0.95
CA LEU A 91 4.84 -6.24 0.44
C LEU A 91 5.28 -7.17 -0.70
N SER A 92 5.94 -6.65 -1.74
CA SER A 92 6.41 -7.48 -2.87
C SER A 92 7.49 -8.47 -2.43
N GLN A 93 8.41 -8.06 -1.55
CA GLN A 93 9.38 -8.96 -0.92
C GLN A 93 8.73 -9.99 0.01
N SER A 94 7.69 -9.67 0.78
CA SER A 94 6.94 -10.65 1.60
C SER A 94 6.31 -11.74 0.74
N SER A 95 5.72 -11.38 -0.41
CA SER A 95 5.22 -12.37 -1.38
C SER A 95 6.35 -13.25 -1.92
N SER A 96 7.47 -12.67 -2.36
CA SER A 96 8.64 -13.43 -2.82
C SER A 96 9.31 -14.29 -1.72
N ASN A 97 9.29 -13.84 -0.47
CA ASN A 97 9.79 -14.59 0.69
C ASN A 97 8.80 -15.72 1.09
N ALA A 98 7.51 -15.58 0.79
CA ALA A 98 6.53 -16.68 0.91
C ALA A 98 6.66 -17.74 -0.20
N ILE A 99 7.15 -17.40 -1.40
CA ILE A 99 7.45 -18.37 -2.48
C ILE A 99 8.51 -19.40 -2.00
N SER A 100 9.58 -18.92 -1.35
CA SER A 100 10.65 -19.76 -0.75
C SER A 100 11.27 -19.08 0.48
N GLY A 101 10.70 -19.30 1.67
CA GLY A 101 11.24 -18.79 2.94
C GLY A 101 10.26 -18.81 4.13
N ALA A 102 8.99 -18.46 3.89
CA ALA A 102 7.86 -18.43 4.85
C ALA A 102 8.10 -17.61 6.15
N THR A 103 7.62 -16.36 6.18
CA THR A 103 7.87 -15.39 7.27
C THR A 103 6.62 -14.89 8.01
N GLY A 104 5.48 -14.74 7.32
CA GLY A 104 4.22 -14.25 7.92
C GLY A 104 4.08 -12.73 7.88
N GLY A 105 3.50 -12.18 6.79
CA GLY A 105 3.41 -10.73 6.53
C GLY A 105 2.65 -9.93 7.59
N SER A 106 1.38 -10.27 7.84
CA SER A 106 0.43 -9.71 8.85
C SER A 106 -1.01 -10.19 8.60
N ALA A 107 -1.25 -11.50 8.68
CA ALA A 107 -2.57 -12.14 8.50
C ALA A 107 -3.58 -11.90 9.66
N PHE A 108 -3.47 -10.77 10.37
CA PHE A 108 -4.34 -10.38 11.50
C PHE A 108 -5.77 -9.97 11.11
N ALA A 109 -6.03 -9.67 9.83
CA ALA A 109 -7.34 -9.22 9.31
C ALA A 109 -8.03 -8.14 10.19
N GLN A 110 -7.29 -7.08 10.54
CA GLN A 110 -7.68 -6.00 11.46
C GLN A 110 -8.33 -6.48 12.78
N SER A 111 -7.70 -7.49 13.42
CA SER A 111 -8.20 -8.20 14.61
C SER A 111 -9.41 -9.10 14.29
N GLN A 112 -9.29 -9.88 13.21
CA GLN A 112 -10.31 -10.76 12.63
C GLN A 112 -11.70 -10.10 12.49
N ALA A 113 -11.73 -8.92 11.86
CA ALA A 113 -12.91 -8.06 11.72
C ALA A 113 -13.04 -7.43 10.31
N PHE A 114 -12.75 -8.21 9.27
CA PHE A 114 -12.91 -7.82 7.85
C PHE A 114 -14.24 -8.36 7.27
N GLN A 115 -15.24 -7.48 7.15
CA GLN A 115 -16.44 -7.65 6.31
C GLN A 115 -17.17 -6.31 6.13
N GLN A 116 -17.46 -5.90 4.88
CA GLN A 116 -18.34 -4.74 4.60
C GLN A 116 -18.91 -4.78 3.16
N SER A 117 -18.02 -4.93 2.16
CA SER A 117 -18.33 -5.12 0.73
C SER A 117 -17.20 -5.91 0.06
N ALA A 118 -17.55 -6.89 -0.78
CA ALA A 118 -16.63 -7.79 -1.50
C ALA A 118 -17.24 -8.33 -2.81
N GLY A 1 -0.12 -8.54 -12.00
CA GLY A 1 0.92 -9.43 -11.42
C GLY A 1 0.73 -9.55 -9.92
N SER A 2 1.80 -9.82 -9.16
CA SER A 2 1.76 -9.99 -7.68
C SER A 2 1.17 -8.79 -6.93
N GLU A 3 1.24 -7.59 -7.51
CA GLU A 3 0.56 -6.39 -6.99
C GLU A 3 -0.96 -6.58 -6.81
N GLN A 4 -1.60 -7.54 -7.49
CA GLN A 4 -3.01 -7.90 -7.31
C GLN A 4 -3.38 -8.35 -5.88
N GLN A 5 -2.42 -8.90 -5.13
CA GLN A 5 -2.57 -9.20 -3.70
C GLN A 5 -1.95 -8.10 -2.83
N ASP A 6 -0.85 -7.49 -3.30
CA ASP A 6 -0.21 -6.40 -2.57
C ASP A 6 -1.17 -5.24 -2.32
N LEU A 7 -2.01 -4.84 -3.27
CA LEU A 7 -3.02 -3.79 -3.10
C LEU A 7 -3.98 -4.01 -1.91
N ASP A 8 -4.25 -5.27 -1.56
CA ASP A 8 -5.18 -5.63 -0.48
C ASP A 8 -4.48 -5.59 0.89
N ASP A 9 -3.20 -5.95 0.92
CA ASP A 9 -2.29 -5.71 2.05
C ASP A 9 -1.99 -4.21 2.23
N LEU A 10 -1.84 -3.47 1.12
CA LEU A 10 -1.73 -2.02 1.13
C LEU A 10 -2.99 -1.39 1.71
N ALA A 11 -4.19 -1.87 1.40
CA ALA A 11 -5.42 -1.47 2.10
C ALA A 11 -5.47 -1.84 3.60
N GLN A 12 -4.42 -2.44 4.20
CA GLN A 12 -4.28 -2.61 5.65
C GLN A 12 -3.18 -1.69 6.23
N VAL A 13 -2.00 -1.64 5.60
CA VAL A 13 -0.90 -0.74 6.03
C VAL A 13 -1.23 0.73 5.79
N ILE A 14 -1.91 1.04 4.67
CA ILE A 14 -2.45 2.37 4.38
C ILE A 14 -3.51 2.69 5.42
N LEU A 15 -4.46 1.80 5.71
CA LEU A 15 -5.46 2.00 6.79
C LEU A 15 -4.79 2.33 8.13
N SER A 16 -3.76 1.57 8.51
CA SER A 16 -2.92 1.88 9.68
C SER A 16 -2.28 3.27 9.60
N ALA A 17 -1.78 3.70 8.43
CA ALA A 17 -1.18 5.02 8.20
C ALA A 17 -2.19 6.18 8.19
N VAL A 18 -3.25 6.10 7.38
CA VAL A 18 -4.30 7.12 7.20
C VAL A 18 -5.19 7.26 8.44
N THR A 19 -5.33 6.21 9.26
CA THR A 19 -6.07 6.22 10.54
C THR A 19 -5.13 6.38 11.75
N SER A 20 -3.80 6.37 11.56
CA SER A 20 -2.79 6.68 12.60
C SER A 20 -2.96 8.08 13.21
N ASN A 21 -3.58 8.97 12.44
CA ASN A 21 -3.94 10.35 12.80
C ASN A 21 -5.40 10.49 13.31
N THR A 22 -5.98 9.36 13.75
CA THR A 22 -7.30 9.21 14.40
C THR A 22 -8.53 9.52 13.53
N ASP A 23 -8.34 9.72 12.23
CA ASP A 23 -9.39 10.08 11.26
C ASP A 23 -10.22 8.85 10.82
N THR A 24 -11.37 8.62 11.46
CA THR A 24 -12.36 7.61 11.02
C THR A 24 -12.84 7.84 9.58
N SER A 25 -12.92 9.10 9.14
CA SER A 25 -13.30 9.49 7.78
C SER A 25 -12.24 9.11 6.71
N LYS A 26 -10.97 8.89 7.10
CA LYS A 26 -9.93 8.37 6.18
C LYS A 26 -10.21 6.93 5.70
N SER A 27 -10.98 6.14 6.45
CA SER A 27 -11.53 4.86 5.97
C SER A 27 -12.46 5.03 4.77
N ALA A 28 -13.19 6.15 4.64
CA ALA A 28 -14.00 6.44 3.47
C ALA A 28 -13.15 6.69 2.21
N ARG A 29 -11.92 7.22 2.38
CA ARG A 29 -10.98 7.39 1.24
C ARG A 29 -10.42 6.06 0.75
N ALA A 30 -10.26 5.05 1.58
CA ALA A 30 -9.79 3.73 1.14
C ALA A 30 -10.61 3.13 -0.04
N GLN A 31 -11.89 3.50 -0.17
CA GLN A 31 -12.70 3.15 -1.35
C GLN A 31 -12.18 3.77 -2.68
N ALA A 32 -11.52 4.94 -2.62
CA ALA A 32 -10.88 5.57 -3.77
C ALA A 32 -9.65 4.78 -4.25
N LEU A 33 -8.96 4.04 -3.37
CA LEU A 33 -7.93 3.07 -3.79
C LEU A 33 -8.56 1.98 -4.69
N SER A 34 -9.81 1.57 -4.44
CA SER A 34 -10.58 0.70 -5.36
C SER A 34 -10.93 1.36 -6.71
N THR A 35 -10.79 2.68 -6.87
CA THR A 35 -10.87 3.33 -8.19
C THR A 35 -9.65 3.04 -9.07
N ALA A 36 -8.48 2.82 -8.45
CA ALA A 36 -7.30 2.34 -9.15
C ALA A 36 -7.55 0.95 -9.75
N LEU A 37 -8.18 0.06 -8.98
CA LEU A 37 -8.54 -1.31 -9.38
C LEU A 37 -9.43 -1.35 -10.65
N ALA A 38 -10.27 -0.34 -10.87
CA ALA A 38 -11.04 -0.20 -12.11
C ALA A 38 -10.15 0.03 -13.34
N SER A 39 -9.04 0.77 -13.19
CA SER A 39 -7.99 0.90 -14.22
C SER A 39 -7.18 -0.40 -14.35
N SER A 40 -6.83 -1.05 -13.23
CA SER A 40 -6.13 -2.35 -13.22
C SER A 40 -6.90 -3.45 -13.97
N LEU A 41 -8.24 -3.46 -13.89
CA LEU A 41 -9.12 -4.34 -14.68
C LEU A 41 -8.79 -4.28 -16.19
N ALA A 42 -8.56 -3.08 -16.75
CA ALA A 42 -8.14 -2.90 -18.14
C ALA A 42 -6.62 -3.09 -18.33
N ASP A 43 -5.80 -2.72 -17.34
CA ASP A 43 -4.35 -2.93 -17.36
C ASP A 43 -3.96 -4.43 -17.37
N LEU A 44 -4.80 -5.31 -16.83
CA LEU A 44 -4.65 -6.78 -16.81
C LEU A 44 -4.77 -7.41 -18.22
N LEU A 45 -5.59 -6.82 -19.11
CA LEU A 45 -5.65 -7.20 -20.53
C LEU A 45 -4.32 -6.88 -21.26
N ILE A 46 -3.76 -5.71 -20.95
CA ILE A 46 -2.48 -5.20 -21.45
C ILE A 46 -1.32 -5.93 -20.70
N SER A 47 -0.07 -5.79 -21.15
CA SER A 47 1.11 -6.20 -20.38
C SER A 47 1.25 -5.37 -19.10
N GLU A 48 1.17 -6.01 -17.91
CA GLU A 48 1.40 -5.35 -16.61
C GLU A 48 2.88 -4.96 -16.36
N SER A 49 3.77 -5.04 -17.36
CA SER A 49 5.18 -4.65 -17.26
C SER A 49 5.95 -5.40 -16.15
N SER A 50 5.89 -6.74 -16.20
CA SER A 50 6.47 -7.68 -15.22
C SER A 50 5.82 -7.62 -13.81
N GLY A 51 4.54 -7.26 -13.76
CA GLY A 51 3.74 -7.22 -12.52
C GLY A 51 3.77 -5.87 -11.78
N SER A 52 3.96 -4.78 -12.52
CA SER A 52 4.00 -3.39 -12.06
C SER A 52 2.69 -2.72 -12.46
N SER A 53 1.62 -2.99 -11.70
CA SER A 53 0.26 -2.49 -11.96
C SER A 53 0.26 -0.98 -12.25
N TYR A 54 0.94 -0.20 -11.38
CA TYR A 54 0.98 1.28 -11.38
C TYR A 54 1.52 1.89 -10.07
N GLN A 55 2.81 1.73 -9.74
CA GLN A 55 3.39 2.36 -8.52
C GLN A 55 3.06 3.85 -8.38
N THR A 56 3.02 4.60 -9.49
CA THR A 56 2.60 6.01 -9.51
C THR A 56 1.12 6.18 -9.10
N GLN A 57 0.20 5.35 -9.58
CA GLN A 57 -1.21 5.38 -9.16
C GLN A 57 -1.37 4.93 -7.70
N ILE A 58 -0.70 3.88 -7.24
CA ILE A 58 -0.74 3.46 -5.82
C ILE A 58 -0.26 4.60 -4.92
N SER A 59 0.89 5.20 -5.21
CA SER A 59 1.42 6.32 -4.41
C SER A 59 0.55 7.59 -4.54
N ALA A 60 0.06 7.92 -5.74
CA ALA A 60 -0.84 9.05 -5.98
C ALA A 60 -2.18 8.88 -5.25
N LEU A 61 -2.89 7.76 -5.44
CA LEU A 61 -4.15 7.49 -4.75
C LEU A 61 -3.94 7.44 -3.23
N THR A 62 -2.88 6.78 -2.73
CA THR A 62 -2.48 6.81 -1.30
C THR A 62 -2.31 8.24 -0.78
N ASN A 63 -1.60 9.12 -1.51
CA ASN A 63 -1.48 10.54 -1.16
C ASN A 63 -2.83 11.27 -1.25
N ILE A 64 -3.66 10.96 -2.24
CA ILE A 64 -5.01 11.49 -2.42
C ILE A 64 -5.94 11.12 -1.24
N LEU A 65 -5.74 9.99 -0.56
CA LEU A 65 -6.53 9.66 0.65
C LEU A 65 -6.33 10.72 1.75
N SER A 66 -5.10 11.18 1.87
CA SER A 66 -4.66 12.27 2.74
C SER A 66 -5.11 13.64 2.19
N ASP A 67 -4.91 13.88 0.89
CA ASP A 67 -5.29 15.10 0.16
C ASP A 67 -6.82 15.34 0.07
N CYS A 68 -7.63 14.32 0.35
CA CYS A 68 -9.09 14.42 0.39
C CYS A 68 -9.60 15.17 1.64
N PHE A 69 -8.86 15.10 2.76
CA PHE A 69 -9.27 15.74 4.03
C PHE A 69 -8.33 16.89 4.45
N VAL A 70 -7.02 16.78 4.20
CA VAL A 70 -6.01 17.83 4.46
C VAL A 70 -6.06 18.32 5.93
N THR A 71 -5.91 17.38 6.87
CA THR A 71 -6.13 17.58 8.32
C THR A 71 -4.82 17.49 9.12
N THR A 72 -4.39 16.27 9.44
CA THR A 72 -3.19 15.92 10.24
C THR A 72 -2.10 15.33 9.32
N THR A 73 -2.18 15.67 8.04
CA THR A 73 -1.36 15.17 6.92
C THR A 73 -0.64 16.33 6.20
N GLY A 74 0.48 16.03 5.56
CA GLY A 74 1.29 16.97 4.78
C GLY A 74 0.78 17.26 3.35
N SER A 75 -0.32 16.62 2.93
CA SER A 75 -1.06 16.84 1.66
C SER A 75 -0.19 16.94 0.37
N ASN A 76 0.93 16.20 0.35
CA ASN A 76 1.85 16.08 -0.78
C ASN A 76 2.76 14.86 -0.63
N ASN A 77 3.31 14.71 0.58
CA ASN A 77 4.15 13.59 1.03
C ASN A 77 4.02 13.45 2.56
N PRO A 78 2.89 12.95 3.07
CA PRO A 78 2.73 12.65 4.49
C PRO A 78 3.64 11.48 4.90
N ALA A 79 3.63 11.15 6.20
CA ALA A 79 4.25 9.93 6.71
C ALA A 79 3.84 8.67 5.92
N PHE A 80 2.66 8.65 5.29
CA PHE A 80 2.13 7.49 4.56
C PHE A 80 2.84 7.31 3.21
N VAL A 81 3.17 8.38 2.48
CA VAL A 81 3.99 8.30 1.24
C VAL A 81 5.43 7.94 1.58
N SER A 82 6.05 8.61 2.57
CA SER A 82 7.41 8.28 3.01
C SER A 82 7.51 6.85 3.55
N ARG A 83 6.51 6.39 4.32
CA ARG A 83 6.34 4.98 4.70
C ARG A 83 6.17 4.11 3.47
N VAL A 84 5.35 4.47 2.47
CA VAL A 84 5.16 3.67 1.25
C VAL A 84 6.47 3.29 0.58
N GLN A 85 7.53 4.11 0.56
CA GLN A 85 8.83 3.66 0.01
C GLN A 85 9.45 2.50 0.81
N THR A 86 9.47 2.58 2.15
CA THR A 86 9.99 1.51 3.03
C THR A 86 9.04 0.31 3.10
N LEU A 87 7.74 0.55 3.26
CA LEU A 87 6.69 -0.47 3.27
C LEU A 87 6.69 -1.22 1.96
N ILE A 88 6.74 -0.57 0.78
CA ILE A 88 6.83 -1.26 -0.51
C ILE A 88 8.09 -2.13 -0.57
N ALA A 89 9.23 -1.67 -0.04
CA ALA A 89 10.43 -2.51 0.06
C ALA A 89 10.22 -3.77 0.94
N VAL A 90 9.49 -3.67 2.06
CA VAL A 90 9.14 -4.81 2.94
C VAL A 90 8.01 -5.68 2.36
N LEU A 91 7.00 -5.08 1.72
CA LEU A 91 5.85 -5.71 1.07
C LEU A 91 6.26 -6.47 -0.19
N SER A 92 7.12 -5.90 -1.05
CA SER A 92 7.63 -6.56 -2.25
C SER A 92 8.49 -7.77 -1.86
N GLN A 93 9.41 -7.62 -0.90
CA GLN A 93 10.17 -8.76 -0.37
C GLN A 93 9.30 -9.74 0.44
N SER A 94 8.21 -9.31 1.09
CA SER A 94 7.28 -10.23 1.79
C SER A 94 6.52 -11.10 0.80
N SER A 95 5.95 -10.52 -0.25
CA SER A 95 5.29 -11.26 -1.33
C SER A 95 6.27 -12.14 -2.11
N SER A 96 7.48 -11.67 -2.42
CA SER A 96 8.53 -12.50 -3.06
C SER A 96 9.12 -13.59 -2.16
N ASN A 97 9.23 -13.35 -0.84
CA ASN A 97 9.54 -14.37 0.17
C ASN A 97 8.38 -15.37 0.38
N ALA A 98 7.16 -15.01 0.00
CA ALA A 98 5.99 -15.88 0.03
C ALA A 98 5.76 -16.66 -1.29
N ILE A 99 6.26 -16.14 -2.44
CA ILE A 99 6.27 -16.86 -3.74
C ILE A 99 6.95 -18.23 -3.61
N SER A 100 8.08 -18.32 -2.88
CA SER A 100 8.81 -19.58 -2.67
C SER A 100 9.70 -19.55 -1.42
N GLY A 101 9.08 -19.33 -0.25
CA GLY A 101 9.76 -19.37 1.07
C GLY A 101 8.77 -19.72 2.20
N ALA A 102 7.94 -18.77 2.61
CA ALA A 102 6.85 -19.00 3.57
C ALA A 102 5.73 -17.93 3.48
N THR A 103 4.50 -18.37 3.21
CA THR A 103 3.25 -17.57 3.21
C THR A 103 2.76 -17.28 4.65
N GLY A 104 3.36 -16.28 5.32
CA GLY A 104 3.10 -15.92 6.71
C GLY A 104 2.38 -14.56 6.87
N GLY A 105 1.05 -14.57 6.89
CA GLY A 105 0.22 -13.35 6.97
C GLY A 105 0.25 -12.63 8.33
N SER A 106 0.30 -13.40 9.42
CA SER A 106 0.23 -12.89 10.81
C SER A 106 1.29 -13.54 11.71
N ALA A 107 2.56 -13.19 11.45
CA ALA A 107 3.75 -13.82 12.07
C ALA A 107 4.78 -12.80 12.63
N PHE A 108 4.34 -11.55 12.87
CA PHE A 108 5.18 -10.47 13.42
C PHE A 108 5.39 -10.53 14.95
N ALA A 109 4.61 -11.35 15.67
CA ALA A 109 4.60 -11.47 17.13
C ALA A 109 4.49 -10.10 17.87
N GLN A 110 3.76 -9.14 17.30
CA GLN A 110 3.63 -7.77 17.84
C GLN A 110 2.24 -7.16 17.52
N SER A 111 1.92 -6.91 16.24
CA SER A 111 0.58 -6.43 15.80
C SER A 111 0.41 -6.46 14.26
N GLN A 112 0.85 -7.55 13.61
CA GLN A 112 0.87 -7.71 12.13
C GLN A 112 1.49 -6.49 11.40
N ALA A 113 2.77 -6.21 11.69
CA ALA A 113 3.54 -5.02 11.28
C ALA A 113 3.11 -3.74 12.02
N PHE A 114 3.25 -3.75 13.35
CA PHE A 114 3.01 -2.57 14.20
C PHE A 114 3.86 -1.36 13.74
N GLN A 115 3.20 -0.23 13.47
CA GLN A 115 3.85 0.99 12.98
C GLN A 115 3.06 2.25 13.43
N GLN A 116 3.53 2.91 14.48
CA GLN A 116 2.94 4.14 15.04
C GLN A 116 4.01 4.94 15.80
N SER A 117 4.25 6.19 15.36
CA SER A 117 5.25 7.16 15.85
C SER A 117 6.72 6.66 15.93
N ALA A 118 7.03 5.71 16.81
CA ALA A 118 8.36 5.12 17.05
C ALA A 118 8.26 3.68 17.59
N GLY A 1 -0.17 -15.41 -6.94
CA GLY A 1 -0.36 -14.88 -5.57
C GLY A 1 0.50 -13.63 -5.28
N SER A 2 0.51 -12.65 -6.18
CA SER A 2 1.22 -11.36 -6.10
C SER A 2 0.42 -10.33 -6.92
N GLU A 3 0.78 -9.04 -6.86
CA GLU A 3 0.10 -7.89 -7.52
C GLU A 3 -1.42 -7.77 -7.33
N GLN A 4 -2.01 -8.56 -6.42
CA GLN A 4 -3.41 -8.53 -5.99
C GLN A 4 -3.60 -8.99 -4.53
N GLN A 5 -2.87 -10.04 -4.10
CA GLN A 5 -2.89 -10.49 -2.70
C GLN A 5 -2.24 -9.44 -1.78
N ASP A 6 -1.25 -8.72 -2.30
CA ASP A 6 -0.64 -7.58 -1.64
C ASP A 6 -1.65 -6.50 -1.27
N LEU A 7 -2.56 -6.07 -2.16
CA LEU A 7 -3.56 -5.03 -1.88
C LEU A 7 -4.36 -5.29 -0.59
N ASP A 8 -4.56 -6.55 -0.20
CA ASP A 8 -5.25 -6.94 1.03
C ASP A 8 -4.44 -6.55 2.30
N ASP A 9 -3.19 -7.01 2.43
CA ASP A 9 -2.32 -6.68 3.56
C ASP A 9 -1.83 -5.21 3.51
N LEU A 10 -1.49 -4.74 2.31
CA LEU A 10 -1.15 -3.36 1.98
C LEU A 10 -2.26 -2.41 2.42
N ALA A 11 -3.54 -2.70 2.11
CA ALA A 11 -4.66 -1.91 2.59
C ALA A 11 -4.71 -1.86 4.12
N GLN A 12 -4.44 -2.95 4.85
CA GLN A 12 -4.44 -2.89 6.32
C GLN A 12 -3.40 -1.90 6.88
N VAL A 13 -2.16 -1.93 6.37
CA VAL A 13 -1.11 -0.98 6.81
C VAL A 13 -1.29 0.43 6.24
N ILE A 14 -1.86 0.58 5.04
CA ILE A 14 -2.32 1.86 4.48
C ILE A 14 -3.38 2.47 5.40
N LEU A 15 -4.43 1.72 5.75
CA LEU A 15 -5.50 2.12 6.68
C LEU A 15 -4.92 2.54 8.03
N SER A 16 -4.00 1.75 8.59
CA SER A 16 -3.26 2.11 9.81
C SER A 16 -2.48 3.41 9.70
N ALA A 17 -1.94 3.75 8.52
CA ALA A 17 -1.15 4.97 8.31
C ALA A 17 -2.01 6.22 8.02
N VAL A 18 -3.08 6.11 7.23
CA VAL A 18 -4.05 7.20 7.00
C VAL A 18 -4.88 7.50 8.26
N THR A 19 -5.16 6.50 9.08
CA THR A 19 -5.87 6.64 10.37
C THR A 19 -4.92 6.81 11.58
N SER A 20 -3.60 6.73 11.37
CA SER A 20 -2.56 7.05 12.39
C SER A 20 -2.66 8.51 12.88
N ASN A 21 -3.21 9.38 12.04
CA ASN A 21 -3.57 10.77 12.34
C ASN A 21 -5.01 10.90 12.90
N THR A 22 -5.52 9.82 13.51
CA THR A 22 -6.83 9.69 14.21
C THR A 22 -8.09 9.98 13.38
N ASP A 23 -7.96 9.94 12.06
CA ASP A 23 -8.93 10.46 11.08
C ASP A 23 -10.26 9.68 10.99
N THR A 24 -10.19 8.35 11.00
CA THR A 24 -11.28 7.38 10.73
C THR A 24 -11.98 7.47 9.35
N SER A 25 -12.32 8.66 8.86
CA SER A 25 -13.03 8.87 7.58
C SER A 25 -12.22 8.41 6.35
N LYS A 26 -10.89 8.41 6.43
CA LYS A 26 -9.97 7.86 5.42
C LYS A 26 -10.15 6.38 5.05
N SER A 27 -10.86 5.59 5.87
CA SER A 27 -11.35 4.27 5.43
C SER A 27 -12.38 4.34 4.28
N ALA A 28 -13.02 5.48 4.02
CA ALA A 28 -13.81 5.71 2.81
C ALA A 28 -12.94 5.88 1.55
N ARG A 29 -11.79 6.56 1.65
CA ARG A 29 -10.79 6.65 0.56
C ARG A 29 -10.20 5.29 0.18
N ALA A 30 -10.24 4.29 1.06
CA ALA A 30 -9.89 2.92 0.72
C ALA A 30 -10.75 2.32 -0.42
N GLN A 31 -12.00 2.77 -0.55
CA GLN A 31 -12.89 2.38 -1.66
C GLN A 31 -12.51 3.08 -2.98
N ALA A 32 -11.92 4.28 -2.92
CA ALA A 32 -11.29 4.94 -4.07
C ALA A 32 -9.93 4.29 -4.45
N LEU A 33 -9.18 3.77 -3.47
CA LEU A 33 -8.01 2.88 -3.68
C LEU A 33 -8.39 1.63 -4.50
N SER A 34 -9.52 0.99 -4.20
CA SER A 34 -10.07 -0.08 -5.04
C SER A 34 -10.31 0.35 -6.51
N THR A 35 -10.61 1.63 -6.79
CA THR A 35 -10.72 2.14 -8.18
C THR A 35 -9.40 2.07 -8.95
N ALA A 36 -8.25 2.26 -8.30
CA ALA A 36 -6.94 2.08 -8.94
C ALA A 36 -6.77 0.60 -9.34
N LEU A 37 -6.95 -0.32 -8.39
CA LEU A 37 -6.83 -1.77 -8.59
C LEU A 37 -7.86 -2.33 -9.60
N ALA A 38 -9.06 -1.75 -9.67
CA ALA A 38 -10.05 -2.04 -10.71
C ALA A 38 -9.64 -1.50 -12.09
N SER A 39 -9.04 -0.31 -12.15
CA SER A 39 -8.42 0.22 -13.37
C SER A 39 -7.30 -0.70 -13.86
N SER A 40 -6.49 -1.26 -12.96
CA SER A 40 -5.46 -2.28 -13.27
C SER A 40 -6.01 -3.50 -14.00
N LEU A 41 -7.24 -3.92 -13.70
CA LEU A 41 -7.92 -5.04 -14.37
C LEU A 41 -8.11 -4.76 -15.88
N ALA A 42 -8.44 -3.51 -16.26
CA ALA A 42 -8.53 -3.07 -17.64
C ALA A 42 -7.15 -2.70 -18.24
N ASP A 43 -6.24 -2.14 -17.44
CA ASP A 43 -4.86 -1.85 -17.85
C ASP A 43 -4.05 -3.13 -18.17
N LEU A 44 -4.38 -4.26 -17.53
CA LEU A 44 -3.82 -5.59 -17.82
C LEU A 44 -4.17 -6.09 -19.23
N LEU A 45 -5.31 -5.68 -19.80
CA LEU A 45 -5.73 -6.02 -21.16
C LEU A 45 -4.82 -5.38 -22.23
N ILE A 46 -4.49 -4.09 -22.07
CA ILE A 46 -3.54 -3.37 -22.94
C ILE A 46 -2.08 -3.77 -22.64
N SER A 47 -1.14 -3.41 -23.52
CA SER A 47 0.29 -3.76 -23.41
C SER A 47 1.03 -3.05 -22.25
N GLU A 48 0.43 -2.01 -21.67
CA GLU A 48 1.04 -1.08 -20.69
C GLU A 48 1.15 -1.63 -19.24
N SER A 49 1.31 -2.95 -19.09
CA SER A 49 1.09 -3.73 -17.84
C SER A 49 2.20 -4.74 -17.54
N SER A 50 3.46 -4.35 -17.78
CA SER A 50 4.64 -5.23 -17.67
C SER A 50 5.81 -4.63 -16.86
N GLY A 51 6.04 -3.31 -16.95
CA GLY A 51 7.09 -2.62 -16.17
C GLY A 51 6.83 -2.63 -14.65
N SER A 52 5.55 -2.45 -14.26
CA SER A 52 5.05 -2.64 -12.88
C SER A 52 3.66 -3.28 -12.93
N SER A 53 2.60 -2.47 -12.98
CA SER A 53 1.16 -2.84 -13.00
C SER A 53 0.29 -1.60 -12.77
N TYR A 54 0.48 -0.95 -11.62
CA TYR A 54 -0.23 0.26 -11.16
C TYR A 54 0.57 1.10 -10.15
N GLN A 55 1.85 0.80 -9.89
CA GLN A 55 2.64 1.50 -8.86
C GLN A 55 2.73 3.02 -9.10
N THR A 56 2.72 3.48 -10.35
CA THR A 56 2.66 4.92 -10.71
C THR A 56 1.44 5.60 -10.10
N GLN A 57 0.25 5.01 -10.26
CA GLN A 57 -0.97 5.52 -9.63
C GLN A 57 -1.05 5.17 -8.14
N ILE A 58 -0.45 4.08 -7.64
CA ILE A 58 -0.44 3.76 -6.21
C ILE A 58 0.21 4.88 -5.37
N SER A 59 1.28 5.51 -5.87
CA SER A 59 1.97 6.63 -5.20
C SER A 59 1.09 7.87 -5.13
N ALA A 60 0.44 8.24 -6.25
CA ALA A 60 -0.50 9.36 -6.31
C ALA A 60 -1.73 9.09 -5.44
N LEU A 61 -2.37 7.93 -5.60
CA LEU A 61 -3.51 7.44 -4.81
C LEU A 61 -3.20 7.47 -3.31
N THR A 62 -2.06 6.93 -2.89
CA THR A 62 -1.58 6.97 -1.49
C THR A 62 -1.62 8.41 -0.95
N ASN A 63 -1.03 9.35 -1.68
CA ASN A 63 -1.05 10.76 -1.29
C ASN A 63 -2.47 11.35 -1.28
N ILE A 64 -3.31 10.95 -2.25
CA ILE A 64 -4.75 11.27 -2.33
C ILE A 64 -5.56 10.78 -1.11
N LEU A 65 -5.21 9.65 -0.48
CA LEU A 65 -5.92 9.19 0.71
C LEU A 65 -5.83 10.23 1.82
N SER A 66 -4.62 10.74 2.09
CA SER A 66 -4.36 11.87 2.98
C SER A 66 -4.98 13.16 2.44
N ASP A 67 -4.64 13.55 1.22
CA ASP A 67 -5.03 14.82 0.57
C ASP A 67 -6.55 14.98 0.33
N CYS A 68 -7.35 13.93 0.55
CA CYS A 68 -8.79 14.01 0.75
C CYS A 68 -9.19 15.11 1.76
N PHE A 69 -8.38 15.31 2.81
CA PHE A 69 -8.56 16.35 3.82
C PHE A 69 -7.92 17.69 3.45
N VAL A 70 -6.64 17.70 3.02
CA VAL A 70 -5.85 18.93 2.73
C VAL A 70 -5.98 19.98 3.86
N THR A 71 -5.55 19.61 5.07
CA THR A 71 -5.59 20.48 6.27
C THR A 71 -4.58 20.11 7.37
N THR A 72 -4.46 18.82 7.71
CA THR A 72 -3.52 18.31 8.74
C THR A 72 -2.93 16.95 8.35
N THR A 73 -3.76 16.09 7.76
CA THR A 73 -3.38 14.84 7.11
C THR A 73 -2.92 15.08 5.66
N GLY A 74 -1.69 15.59 5.50
CA GLY A 74 -1.07 15.77 4.18
C GLY A 74 0.22 16.58 4.25
N SER A 75 0.13 17.87 4.60
CA SER A 75 1.28 18.79 4.77
C SER A 75 2.29 18.79 3.60
N ASN A 76 1.84 18.45 2.38
CA ASN A 76 2.62 17.93 1.24
C ASN A 76 3.52 16.73 1.61
N ASN A 77 3.17 15.54 1.09
CA ASN A 77 3.91 14.27 1.29
C ASN A 77 4.07 13.92 2.79
N PRO A 78 3.00 13.45 3.48
CA PRO A 78 3.04 13.16 4.91
C PRO A 78 3.91 11.93 5.22
N ALA A 79 4.09 11.64 6.52
CA ALA A 79 4.80 10.44 6.99
C ALA A 79 4.30 9.15 6.31
N PHE A 80 3.01 9.04 6.00
CA PHE A 80 2.43 7.92 5.25
C PHE A 80 3.01 7.74 3.83
N VAL A 81 3.26 8.81 3.06
CA VAL A 81 3.86 8.69 1.72
C VAL A 81 5.30 8.14 1.80
N SER A 82 6.04 8.51 2.85
CA SER A 82 7.37 7.94 3.13
C SER A 82 7.26 6.50 3.66
N ARG A 83 6.23 6.23 4.50
CA ARG A 83 5.89 4.90 5.00
C ARG A 83 5.62 3.93 3.86
N VAL A 84 4.84 4.28 2.82
CA VAL A 84 4.66 3.36 1.69
C VAL A 84 5.95 3.04 0.95
N GLN A 85 6.90 3.97 0.84
CA GLN A 85 8.17 3.71 0.16
C GLN A 85 8.95 2.56 0.83
N THR A 86 8.88 2.47 2.17
CA THR A 86 9.40 1.34 2.95
C THR A 86 8.43 0.15 2.93
N LEU A 87 7.15 0.35 3.26
CA LEU A 87 6.17 -0.71 3.41
C LEU A 87 5.95 -1.50 2.11
N ILE A 88 5.94 -0.86 0.94
CA ILE A 88 5.85 -1.51 -0.38
C ILE A 88 7.02 -2.49 -0.57
N ALA A 89 8.23 -2.11 -0.13
CA ALA A 89 9.38 -3.00 -0.13
C ALA A 89 9.19 -4.19 0.84
N VAL A 90 8.78 -3.94 2.10
CA VAL A 90 8.49 -5.02 3.06
C VAL A 90 7.37 -5.95 2.56
N LEU A 91 6.33 -5.39 1.94
CA LEU A 91 5.17 -6.07 1.36
C LEU A 91 5.55 -6.96 0.17
N SER A 92 6.34 -6.45 -0.78
CA SER A 92 6.88 -7.27 -1.88
C SER A 92 7.78 -8.38 -1.33
N GLN A 93 8.61 -8.06 -0.34
CA GLN A 93 9.38 -9.08 0.38
C GLN A 93 8.52 -10.05 1.20
N SER A 94 7.34 -9.68 1.72
CA SER A 94 6.42 -10.59 2.42
C SER A 94 5.81 -11.61 1.47
N SER A 95 5.39 -11.18 0.27
CA SER A 95 4.95 -12.10 -0.79
C SER A 95 6.07 -13.06 -1.20
N SER A 96 7.27 -12.55 -1.50
CA SER A 96 8.44 -13.37 -1.84
C SER A 96 8.90 -14.29 -0.71
N ASN A 97 8.85 -13.84 0.55
CA ASN A 97 9.11 -14.63 1.75
C ASN A 97 8.13 -15.82 1.88
N ALA A 98 6.90 -15.70 1.35
CA ALA A 98 5.94 -16.79 1.29
C ALA A 98 6.07 -17.71 0.04
N ILE A 99 6.78 -17.29 -1.02
CA ILE A 99 7.07 -18.12 -2.20
C ILE A 99 7.93 -19.35 -1.82
N SER A 100 9.01 -19.16 -1.07
CA SER A 100 9.94 -20.22 -0.64
C SER A 100 10.85 -19.86 0.55
N GLY A 101 10.47 -18.87 1.34
CA GLY A 101 11.28 -18.32 2.45
C GLY A 101 12.06 -17.06 2.05
N ALA A 102 12.65 -17.05 0.85
CA ALA A 102 13.41 -15.95 0.22
C ALA A 102 14.30 -15.11 1.18
N THR A 103 14.93 -15.78 2.15
CA THR A 103 15.74 -15.20 3.23
C THR A 103 17.04 -15.99 3.35
N GLY A 104 18.17 -15.32 3.13
CA GLY A 104 19.50 -15.94 3.14
C GLY A 104 19.91 -16.52 4.50
N GLY A 105 19.44 -15.92 5.60
CA GLY A 105 19.64 -16.41 6.98
C GLY A 105 21.05 -16.18 7.56
N SER A 106 21.89 -15.40 6.88
CA SER A 106 23.32 -15.20 7.20
C SER A 106 23.86 -13.80 6.86
N ALA A 107 22.97 -12.84 6.58
CA ALA A 107 23.30 -11.47 6.18
C ALA A 107 23.80 -10.54 7.32
N PHE A 108 24.02 -11.07 8.53
CA PHE A 108 24.44 -10.34 9.73
C PHE A 108 25.93 -9.91 9.73
N ALA A 109 26.75 -10.45 8.81
CA ALA A 109 28.19 -10.16 8.66
C ALA A 109 28.99 -10.15 9.98
N GLN A 110 28.70 -11.11 10.88
CA GLN A 110 29.14 -11.16 12.28
C GLN A 110 28.95 -9.81 13.00
N SER A 111 27.69 -9.47 13.30
CA SER A 111 27.23 -8.17 13.83
C SER A 111 27.85 -6.94 13.14
N GLN A 112 28.06 -7.03 11.81
CA GLN A 112 28.73 -6.03 10.96
C GLN A 112 30.07 -5.52 11.54
N ALA A 113 30.95 -6.45 11.91
CA ALA A 113 32.28 -6.16 12.51
C ALA A 113 33.45 -6.73 11.70
N PHE A 114 33.51 -8.06 11.53
CA PHE A 114 34.45 -8.81 10.69
C PHE A 114 35.92 -8.30 10.71
N GLN A 115 36.52 -8.15 11.90
CA GLN A 115 37.88 -7.64 12.10
C GLN A 115 38.58 -8.31 13.31
N GLN A 116 39.84 -7.95 13.59
CA GLN A 116 40.63 -8.49 14.70
C GLN A 116 41.42 -7.39 15.42
N SER A 117 41.05 -7.12 16.68
CA SER A 117 41.55 -5.99 17.50
C SER A 117 41.47 -6.24 19.01
N ALA A 118 40.44 -6.95 19.49
CA ALA A 118 40.15 -7.30 20.89
C ALA A 118 40.32 -6.14 21.90
N GLY A 1 0.42 -12.20 -7.83
CA GLY A 1 -0.65 -11.20 -7.61
C GLY A 1 -0.41 -9.92 -8.41
N SER A 2 0.54 -9.09 -7.96
CA SER A 2 0.99 -7.83 -8.62
C SER A 2 -0.05 -6.69 -8.69
N GLU A 3 -1.23 -6.92 -8.11
CA GLU A 3 -2.24 -5.93 -7.70
C GLU A 3 -3.25 -6.61 -6.74
N GLN A 4 -3.69 -7.83 -7.06
CA GLN A 4 -4.77 -8.53 -6.34
C GLN A 4 -4.36 -9.24 -5.04
N GLN A 5 -3.05 -9.36 -4.78
CA GLN A 5 -2.48 -9.90 -3.52
C GLN A 5 -1.82 -8.79 -2.68
N ASP A 6 -2.03 -7.56 -3.14
CA ASP A 6 -1.45 -6.30 -2.71
C ASP A 6 -2.55 -5.22 -2.82
N LEU A 7 -3.73 -5.63 -2.36
CA LEU A 7 -4.90 -4.79 -2.09
C LEU A 7 -5.42 -5.07 -0.67
N ASP A 8 -5.36 -6.32 -0.19
CA ASP A 8 -5.94 -6.71 1.10
C ASP A 8 -4.95 -6.40 2.24
N ASP A 9 -3.72 -6.93 2.15
CA ASP A 9 -2.61 -6.57 3.04
C ASP A 9 -2.18 -5.11 2.85
N LEU A 10 -2.16 -4.63 1.59
CA LEU A 10 -1.85 -3.23 1.28
C LEU A 10 -2.92 -2.28 1.85
N ALA A 11 -4.21 -2.62 1.80
CA ALA A 11 -5.23 -1.88 2.53
C ALA A 11 -5.02 -1.96 4.04
N GLN A 12 -4.60 -3.08 4.64
CA GLN A 12 -4.31 -3.10 6.08
C GLN A 12 -3.20 -2.10 6.47
N VAL A 13 -2.10 -2.00 5.71
CA VAL A 13 -1.06 -1.01 6.02
C VAL A 13 -1.42 0.42 5.59
N ILE A 14 -2.18 0.63 4.51
CA ILE A 14 -2.66 1.97 4.14
C ILE A 14 -3.72 2.44 5.14
N LEU A 15 -4.64 1.59 5.60
CA LEU A 15 -5.56 1.88 6.70
C LEU A 15 -4.77 2.24 7.97
N SER A 16 -3.73 1.47 8.31
CA SER A 16 -2.82 1.79 9.42
C SER A 16 -2.15 3.16 9.23
N ALA A 17 -1.61 3.46 8.04
CA ALA A 17 -0.96 4.72 7.73
C ALA A 17 -1.92 5.93 7.77
N VAL A 18 -3.08 5.84 7.11
CA VAL A 18 -4.07 6.92 7.05
C VAL A 18 -4.80 7.13 8.37
N THR A 19 -4.88 6.10 9.24
CA THR A 19 -5.47 6.21 10.59
C THR A 19 -4.42 6.47 11.68
N SER A 20 -3.12 6.41 11.34
CA SER A 20 -2.00 6.83 12.21
C SER A 20 -2.04 8.33 12.58
N ASN A 21 -2.86 9.11 11.88
CA ASN A 21 -3.17 10.52 12.18
C ASN A 21 -4.63 10.70 12.66
N THR A 22 -5.21 9.62 13.19
CA THR A 22 -6.51 9.51 13.89
C THR A 22 -7.75 10.01 13.13
N ASP A 23 -7.67 10.14 11.80
CA ASP A 23 -8.72 10.72 10.94
C ASP A 23 -10.09 10.03 11.03
N THR A 24 -10.11 8.69 11.14
CA THR A 24 -11.27 7.78 10.98
C THR A 24 -11.96 7.85 9.60
N SER A 25 -12.32 9.03 9.10
CA SER A 25 -12.97 9.23 7.78
C SER A 25 -12.07 8.80 6.60
N LYS A 26 -10.74 8.87 6.76
CA LYS A 26 -9.77 8.47 5.75
C LYS A 26 -9.77 6.95 5.47
N SER A 27 -10.37 6.15 6.37
CA SER A 27 -10.74 4.74 6.12
C SER A 27 -11.76 4.59 4.98
N ALA A 28 -12.77 5.47 4.90
CA ALA A 28 -13.70 5.50 3.77
C ALA A 28 -13.01 5.99 2.49
N ARG A 29 -12.17 7.03 2.57
CA ARG A 29 -11.38 7.51 1.42
C ARG A 29 -10.49 6.40 0.85
N ALA A 30 -9.87 5.57 1.69
CA ALA A 30 -9.06 4.43 1.28
C ALA A 30 -9.81 3.39 0.41
N GLN A 31 -11.15 3.37 0.35
CA GLN A 31 -11.88 2.58 -0.67
C GLN A 31 -11.53 3.00 -2.11
N ALA A 32 -11.10 4.25 -2.32
CA ALA A 32 -10.60 4.72 -3.62
C ALA A 32 -9.30 4.03 -4.03
N LEU A 33 -8.45 3.59 -3.08
CA LEU A 33 -7.30 2.73 -3.38
C LEU A 33 -7.74 1.44 -4.09
N SER A 34 -8.89 0.88 -3.69
CA SER A 34 -9.48 -0.31 -4.33
C SER A 34 -9.96 -0.05 -5.77
N THR A 35 -10.19 1.20 -6.19
CA THR A 35 -10.43 1.52 -7.61
C THR A 35 -9.20 1.24 -8.48
N ALA A 36 -7.99 1.35 -7.89
CA ALA A 36 -6.76 0.96 -8.57
C ALA A 36 -6.68 -0.55 -8.80
N LEU A 37 -7.18 -1.40 -7.88
CA LEU A 37 -7.25 -2.85 -8.09
C LEU A 37 -8.06 -3.17 -9.37
N ALA A 38 -9.21 -2.52 -9.53
CA ALA A 38 -10.10 -2.70 -10.67
C ALA A 38 -9.48 -2.18 -11.98
N SER A 39 -8.79 -1.04 -11.93
CA SER A 39 -8.03 -0.50 -13.06
C SER A 39 -6.84 -1.40 -13.44
N SER A 40 -6.05 -1.87 -12.47
CA SER A 40 -4.92 -2.78 -12.66
C SER A 40 -5.33 -4.14 -13.25
N LEU A 41 -6.53 -4.65 -12.94
CA LEU A 41 -7.13 -5.81 -13.62
C LEU A 41 -7.19 -5.61 -15.15
N ALA A 42 -7.60 -4.42 -15.61
CA ALA A 42 -7.63 -4.04 -17.03
C ALA A 42 -6.24 -3.62 -17.56
N ASP A 43 -5.34 -3.13 -16.71
CA ASP A 43 -3.98 -2.76 -17.09
C ASP A 43 -3.08 -4.00 -17.33
N LEU A 44 -3.36 -5.13 -16.65
CA LEU A 44 -2.68 -6.43 -16.80
C LEU A 44 -2.81 -7.02 -18.22
N LEU A 45 -3.89 -6.69 -18.95
CA LEU A 45 -4.08 -6.99 -20.38
C LEU A 45 -2.95 -6.40 -21.27
N ILE A 46 -2.43 -5.24 -20.86
CA ILE A 46 -1.39 -4.46 -21.52
C ILE A 46 -0.05 -4.74 -20.79
N SER A 47 1.11 -4.32 -21.33
CA SER A 47 2.39 -4.48 -20.64
C SER A 47 2.46 -3.69 -19.34
N GLU A 48 2.56 -2.35 -19.43
CA GLU A 48 2.74 -1.39 -18.31
C GLU A 48 3.84 -1.73 -17.27
N SER A 49 4.70 -2.72 -17.53
CA SER A 49 5.64 -3.30 -16.55
C SER A 49 6.70 -2.30 -16.08
N SER A 50 7.41 -1.65 -17.02
CA SER A 50 8.35 -0.55 -16.71
C SER A 50 7.63 0.78 -16.46
N GLY A 51 6.36 0.89 -16.88
CA GLY A 51 5.47 2.02 -16.57
C GLY A 51 5.03 2.09 -15.10
N SER A 52 5.05 0.95 -14.40
CA SER A 52 4.71 0.76 -12.97
C SER A 52 3.44 1.49 -12.49
N SER A 53 2.45 1.64 -13.38
CA SER A 53 1.25 2.46 -13.16
C SER A 53 0.49 2.09 -11.89
N TYR A 54 0.42 0.81 -11.52
CA TYR A 54 -0.12 0.36 -10.24
C TYR A 54 0.53 1.07 -9.03
N GLN A 55 1.87 1.13 -8.97
CA GLN A 55 2.59 1.79 -7.87
C GLN A 55 2.33 3.31 -7.89
N THR A 56 2.41 3.94 -9.07
CA THR A 56 2.09 5.37 -9.25
C THR A 56 0.65 5.70 -8.86
N GLN A 57 -0.30 4.82 -9.14
CA GLN A 57 -1.72 5.01 -8.84
C GLN A 57 -2.03 4.76 -7.36
N ILE A 58 -1.43 3.78 -6.70
CA ILE A 58 -1.48 3.64 -5.23
C ILE A 58 -0.84 4.86 -4.54
N SER A 59 0.28 5.39 -5.04
CA SER A 59 0.86 6.65 -4.56
C SER A 59 -0.10 7.83 -4.75
N ALA A 60 -0.60 8.04 -5.97
CA ALA A 60 -1.55 9.10 -6.29
C ALA A 60 -2.80 9.02 -5.39
N LEU A 61 -3.41 7.84 -5.27
CA LEU A 61 -4.61 7.63 -4.45
C LEU A 61 -4.33 7.79 -2.96
N THR A 62 -3.29 7.15 -2.39
CA THR A 62 -2.97 7.30 -0.94
C THR A 62 -2.66 8.76 -0.55
N ASN A 63 -2.05 9.53 -1.47
CA ASN A 63 -1.85 10.97 -1.32
C ASN A 63 -3.11 11.82 -1.59
N ILE A 64 -4.00 11.38 -2.49
CA ILE A 64 -5.36 11.94 -2.69
C ILE A 64 -6.23 11.79 -1.43
N LEU A 65 -6.04 10.74 -0.63
CA LEU A 65 -6.71 10.63 0.68
C LEU A 65 -6.29 11.80 1.59
N SER A 66 -4.98 12.10 1.60
CA SER A 66 -4.38 13.27 2.23
C SER A 66 -4.97 14.61 1.70
N ASP A 67 -5.05 14.77 0.38
CA ASP A 67 -5.63 15.95 -0.28
C ASP A 67 -7.18 16.00 -0.23
N CYS A 68 -7.85 14.96 0.26
CA CYS A 68 -9.28 15.01 0.59
C CYS A 68 -9.53 15.79 1.91
N PHE A 69 -8.56 15.81 2.83
CA PHE A 69 -8.68 16.47 4.13
C PHE A 69 -8.03 17.86 4.14
N VAL A 70 -6.81 18.02 3.60
CA VAL A 70 -6.05 19.29 3.55
C VAL A 70 -5.89 19.95 4.95
N THR A 71 -5.37 19.16 5.88
CA THR A 71 -5.00 19.55 7.27
C THR A 71 -3.66 18.87 7.62
N THR A 72 -3.42 18.47 8.87
CA THR A 72 -2.20 17.77 9.34
C THR A 72 -1.86 16.52 8.53
N THR A 73 -2.86 15.85 7.97
CA THR A 73 -2.82 14.43 7.62
C THR A 73 -2.44 14.24 6.14
N GLY A 74 -1.42 15.00 5.71
CA GLY A 74 -0.93 15.08 4.33
C GLY A 74 0.38 15.88 4.21
N SER A 75 0.34 17.17 4.56
CA SER A 75 1.47 18.12 4.54
C SER A 75 2.35 18.09 3.26
N ASN A 76 1.74 17.72 2.11
CA ASN A 76 2.37 17.43 0.82
C ASN A 76 3.37 16.24 0.86
N ASN A 77 3.02 15.11 0.23
CA ASN A 77 3.74 13.82 0.35
C ASN A 77 3.80 13.34 1.82
N PRO A 78 2.71 12.73 2.34
CA PRO A 78 2.69 12.21 3.71
C PRO A 78 3.58 10.97 3.87
N ALA A 79 3.78 10.57 5.13
CA ALA A 79 4.33 9.26 5.47
C ALA A 79 3.62 8.10 4.77
N PHE A 80 2.34 8.23 4.40
CA PHE A 80 1.57 7.16 3.72
C PHE A 80 2.10 6.89 2.31
N VAL A 81 2.47 7.93 1.55
CA VAL A 81 3.04 7.79 0.19
C VAL A 81 4.50 7.33 0.24
N SER A 82 5.28 7.88 1.18
CA SER A 82 6.69 7.52 1.35
C SER A 82 6.84 6.08 1.87
N ARG A 83 5.98 5.69 2.83
CA ARG A 83 5.80 4.29 3.24
C ARG A 83 5.31 3.44 2.08
N VAL A 84 4.36 3.87 1.24
CA VAL A 84 3.88 3.10 0.07
C VAL A 84 5.04 2.54 -0.78
N GLN A 85 6.08 3.34 -1.06
CA GLN A 85 7.23 2.88 -1.84
C GLN A 85 8.00 1.73 -1.14
N THR A 86 8.22 1.85 0.18
CA THR A 86 8.88 0.84 1.03
C THR A 86 7.99 -0.38 1.29
N LEU A 87 6.69 -0.17 1.50
CA LEU A 87 5.62 -1.17 1.58
C LEU A 87 5.65 -2.07 0.36
N ILE A 88 5.70 -1.52 -0.86
CA ILE A 88 5.71 -2.33 -2.08
C ILE A 88 6.93 -3.29 -2.11
N ALA A 89 8.09 -2.84 -1.64
CA ALA A 89 9.26 -3.71 -1.46
C ALA A 89 9.05 -4.79 -0.38
N VAL A 90 8.57 -4.42 0.81
CA VAL A 90 8.27 -5.37 1.90
C VAL A 90 7.17 -6.36 1.51
N LEU A 91 6.15 -5.94 0.76
CA LEU A 91 5.08 -6.76 0.20
C LEU A 91 5.63 -7.78 -0.80
N SER A 92 6.47 -7.35 -1.74
CA SER A 92 7.12 -8.28 -2.68
C SER A 92 7.97 -9.32 -1.93
N GLN A 93 8.68 -8.91 -0.87
CA GLN A 93 9.36 -9.86 0.02
C GLN A 93 8.39 -10.71 0.87
N SER A 94 7.24 -10.21 1.32
CA SER A 94 6.22 -10.99 2.03
C SER A 94 5.65 -12.12 1.16
N SER A 95 5.31 -11.83 -0.10
CA SER A 95 4.88 -12.87 -1.05
C SER A 95 5.98 -13.91 -1.28
N SER A 96 7.22 -13.50 -1.56
CA SER A 96 8.35 -14.42 -1.75
C SER A 96 8.78 -15.18 -0.48
N ASN A 97 8.57 -14.60 0.71
CA ASN A 97 8.73 -15.27 1.99
C ASN A 97 7.62 -16.32 2.23
N ALA A 98 6.38 -16.03 1.82
CA ALA A 98 5.26 -16.96 1.89
C ALA A 98 5.32 -18.10 0.86
N ILE A 99 6.06 -17.94 -0.26
CA ILE A 99 6.36 -19.04 -1.21
C ILE A 99 7.06 -20.21 -0.49
N SER A 100 8.10 -19.91 0.31
CA SER A 100 8.76 -20.88 1.23
C SER A 100 9.65 -20.22 2.29
N GLY A 101 10.36 -19.12 1.96
CA GLY A 101 11.20 -18.37 2.92
C GLY A 101 12.68 -18.34 2.56
N ALA A 102 13.04 -17.60 1.49
CA ALA A 102 14.39 -17.59 0.90
C ALA A 102 14.84 -16.19 0.44
N THR A 103 14.50 -15.13 1.18
CA THR A 103 14.82 -13.73 0.83
C THR A 103 15.06 -12.81 2.03
N GLY A 104 14.17 -12.81 3.04
CA GLY A 104 14.20 -11.88 4.17
C GLY A 104 12.79 -11.51 4.66
N GLY A 105 12.70 -10.43 5.46
CA GLY A 105 11.44 -9.86 5.94
C GLY A 105 11.44 -8.33 5.93
N SER A 106 12.01 -7.71 6.97
CA SER A 106 12.03 -6.25 7.18
C SER A 106 13.26 -5.79 8.00
N ALA A 107 14.46 -6.16 7.55
CA ALA A 107 15.75 -5.78 8.14
C ALA A 107 16.13 -4.27 7.97
N PHE A 108 15.19 -3.37 8.27
CA PHE A 108 15.33 -1.90 8.15
C PHE A 108 15.73 -1.20 9.46
N ALA A 109 15.78 -1.93 10.59
CA ALA A 109 16.06 -1.41 11.95
C ALA A 109 15.21 -0.18 12.36
N GLN A 110 13.97 -0.11 11.87
CA GLN A 110 13.00 0.98 12.12
C GLN A 110 11.56 0.47 12.11
N SER A 111 11.18 -0.29 11.07
CA SER A 111 9.81 -0.77 10.80
C SER A 111 9.50 -2.16 11.40
N GLN A 112 10.34 -2.63 12.34
CA GLN A 112 10.30 -3.98 12.92
C GLN A 112 10.39 -3.97 14.47
N ALA A 113 10.20 -2.80 15.10
CA ALA A 113 10.20 -2.62 16.56
C ALA A 113 9.23 -1.50 17.04
N PHE A 114 9.25 -0.33 16.40
CA PHE A 114 8.51 0.89 16.79
C PHE A 114 8.82 1.41 18.22
N GLN A 115 8.26 2.57 18.60
CA GLN A 115 8.59 3.34 19.82
C GLN A 115 10.10 3.66 20.01
N GLN A 116 10.44 4.33 21.12
CA GLN A 116 11.81 4.47 21.63
C GLN A 116 12.40 3.12 22.11
N SER A 117 13.72 3.09 22.32
CA SER A 117 14.44 2.01 23.03
C SER A 117 15.72 2.55 23.68
N ALA A 118 16.24 1.83 24.69
CA ALA A 118 17.42 2.19 25.49
C ALA A 118 18.56 1.17 25.32
#